data_6LL7
#
_entry.id   6LL7
#
_cell.length_a   52.530
_cell.length_b   75.570
_cell.length_c   85.670
_cell.angle_alpha   107.397
_cell.angle_beta   90.060
_cell.angle_gamma   92.169
#
_symmetry.space_group_name_H-M   'P 1'
#
loop_
_entity.id
_entity.type
_entity.pdbx_description
1 polymer 'Inorganic pyrophosphatase'
2 non-polymer 'MANGANESE (II) ION'
3 non-polymer 'CALCIUM ION'
4 water water
#
_entity_poly.entity_id   1
_entity_poly.type   'polypeptide(L)'
_entity_poly.pdbx_seq_one_letter_code
;MGSMYVVGHKIPDSDSICGAIALAYLKNQIGEPAIAARLGELSPETAFILEKFGFEAPEYKTSYAGEEVYIVDHSEITQA
PDDIAQATIVGIVDHHKLGDLTTSTPLECWIRPVGCSNTVIKMMYDFYQVKIPANIAGIMMCAILSDTVIFKSPTCTTAD
IRCVEALAEIAGVEDFKEVGMDMFKVKSAVEGTPARDLVMRDFKDFNMNGNLVGIGQLEVIDLAVFDDIKADLEADIAKL
KVEGNRHSVLLLLTDIMKEGSEMLVVSDSADLTERAYGKPTVDGRVWLDGVLSRKKQVVPALQDAFQKV
;
_entity_poly.pdbx_strand_id   A,B,C,D
#
# COMPACT_ATOMS: atom_id res chain seq x y z
N SER A 3 -32.92 17.81 -16.26
CA SER A 3 -32.12 18.06 -17.47
C SER A 3 -30.63 18.14 -17.09
N MET A 4 -29.72 17.99 -18.05
CA MET A 4 -28.29 18.28 -17.83
C MET A 4 -28.01 19.75 -18.14
N TYR A 5 -27.04 20.34 -17.45
CA TYR A 5 -26.45 21.67 -17.75
C TYR A 5 -25.13 21.46 -18.51
N VAL A 6 -25.07 22.01 -19.73
CA VAL A 6 -23.85 21.98 -20.57
C VAL A 6 -23.10 23.28 -20.29
N VAL A 7 -21.85 23.19 -19.84
CA VAL A 7 -21.20 24.44 -19.34
C VAL A 7 -19.69 24.36 -19.61
N GLY A 8 -19.13 25.47 -20.09
CA GLY A 8 -17.69 25.64 -20.33
C GLY A 8 -16.99 26.20 -19.11
N HIS A 9 -15.78 26.72 -19.31
CA HIS A 9 -14.86 27.13 -18.21
C HIS A 9 -15.24 28.53 -17.68
N LYS A 10 -14.84 28.77 -16.43
CA LYS A 10 -14.76 30.12 -15.81
C LYS A 10 -14.12 31.07 -16.82
N ILE A 11 -14.60 32.31 -16.86
CA ILE A 11 -14.19 33.35 -17.85
C ILE A 11 -14.45 32.79 -19.24
N PRO A 12 -15.72 32.47 -19.56
CA PRO A 12 -16.06 31.82 -20.83
C PRO A 12 -15.53 32.53 -22.08
N ASP A 13 -14.97 31.80 -23.03
CA ASP A 13 -14.60 32.31 -24.37
C ASP A 13 -15.67 31.88 -25.37
N SER A 14 -15.53 32.19 -26.66
CA SER A 14 -16.54 31.80 -27.68
C SER A 14 -16.74 30.27 -27.70
N ASP A 15 -15.66 29.48 -27.61
CA ASP A 15 -15.71 28.01 -27.64
C ASP A 15 -16.63 27.50 -26.53
N SER A 16 -16.41 27.94 -25.28
CA SER A 16 -17.21 27.51 -24.10
C SER A 16 -18.69 27.89 -24.28
N ILE A 17 -19.02 29.06 -24.82
CA ILE A 17 -20.43 29.57 -24.90
C ILE A 17 -21.10 28.94 -26.13
N CYS A 18 -20.49 29.05 -27.32
CA CYS A 18 -21.03 28.50 -28.59
C CYS A 18 -21.13 26.97 -28.50
N GLY A 19 -20.19 26.32 -27.78
CA GLY A 19 -20.18 24.86 -27.59
C GLY A 19 -21.38 24.43 -26.74
N ALA A 20 -21.65 25.16 -25.66
CA ALA A 20 -22.78 24.91 -24.73
C ALA A 20 -24.10 24.94 -25.51
N ILE A 21 -24.31 25.96 -26.32
CA ILE A 21 -25.57 26.09 -27.12
C ILE A 21 -25.61 24.92 -28.10
N ALA A 22 -24.48 24.60 -28.72
CA ALA A 22 -24.39 23.62 -29.83
C ALA A 22 -24.62 22.21 -29.31
N LEU A 23 -24.08 21.88 -28.13
CA LEU A 23 -24.25 20.54 -27.56
C LEU A 23 -25.64 20.39 -26.91
N ALA A 24 -26.18 21.45 -26.32
CA ALA A 24 -27.53 21.45 -25.70
C ALA A 24 -28.56 21.11 -26.78
N TYR A 25 -28.51 21.80 -27.91
CA TYR A 25 -29.44 21.58 -29.04
C TYR A 25 -29.39 20.10 -29.42
N LEU A 26 -28.19 19.54 -29.62
CA LEU A 26 -27.98 18.14 -30.07
C LEU A 26 -28.63 17.16 -29.09
N LYS A 27 -28.29 17.31 -27.81
CA LYS A 27 -28.83 16.46 -26.71
C LYS A 27 -30.35 16.53 -26.72
N ASN A 28 -30.96 17.73 -26.84
CA ASN A 28 -32.43 17.88 -26.80
C ASN A 28 -33.03 17.16 -28.01
N GLN A 29 -32.31 17.12 -29.14
CA GLN A 29 -32.82 16.50 -30.39
C GLN A 29 -32.78 14.97 -30.28
N ILE A 30 -31.90 14.41 -29.44
CA ILE A 30 -31.76 12.93 -29.29
C ILE A 30 -32.42 12.49 -27.98
N GLY A 31 -33.28 13.34 -27.38
CA GLY A 31 -34.11 12.99 -26.23
C GLY A 31 -33.33 12.91 -24.91
N GLU A 32 -32.23 13.67 -24.78
CA GLU A 32 -31.41 13.76 -23.54
C GLU A 32 -31.46 15.21 -23.06
N PRO A 33 -32.52 15.60 -22.31
CA PRO A 33 -32.79 17.01 -22.05
C PRO A 33 -31.57 17.74 -21.44
N ALA A 34 -31.37 18.98 -21.88
CA ALA A 34 -30.11 19.75 -21.67
C ALA A 34 -30.43 21.24 -21.76
N ILE A 35 -29.71 22.02 -20.94
CA ILE A 35 -29.80 23.50 -20.78
C ILE A 35 -28.38 24.05 -20.92
N ALA A 36 -28.13 24.92 -21.89
CA ALA A 36 -26.87 25.68 -22.02
C ALA A 36 -26.74 26.58 -20.79
N ALA A 37 -25.52 26.72 -20.26
CA ALA A 37 -25.21 27.58 -19.10
C ALA A 37 -23.81 28.18 -19.26
N ARG A 38 -23.53 29.26 -18.51
CA ARG A 38 -22.20 29.91 -18.48
C ARG A 38 -21.83 30.25 -17.03
N LEU A 39 -20.54 30.43 -16.78
CA LEU A 39 -19.95 30.72 -15.44
C LEU A 39 -19.51 32.19 -15.36
N GLY A 40 -19.78 33.00 -16.38
CA GLY A 40 -19.39 34.41 -16.40
C GLY A 40 -20.03 35.18 -17.52
N GLU A 41 -19.71 36.47 -17.61
CA GLU A 41 -20.20 37.35 -18.69
C GLU A 41 -19.54 36.96 -20.01
N LEU A 42 -20.23 37.23 -21.11
CA LEU A 42 -19.71 37.12 -22.49
C LEU A 42 -18.75 38.30 -22.75
N SER A 43 -17.61 38.02 -23.35
CA SER A 43 -16.76 39.01 -24.08
C SER A 43 -17.59 39.67 -25.18
N PRO A 44 -17.32 40.94 -25.58
CA PRO A 44 -17.97 41.53 -26.76
C PRO A 44 -17.89 40.69 -28.04
N GLU A 45 -16.78 39.97 -28.25
CA GLU A 45 -16.59 38.98 -29.36
C GLU A 45 -17.75 37.97 -29.36
N THR A 46 -17.92 37.22 -28.27
CA THR A 46 -18.96 36.16 -28.14
C THR A 46 -20.35 36.79 -28.31
N ALA A 47 -20.60 37.94 -27.66
CA ALA A 47 -21.90 38.67 -27.72
C ALA A 47 -22.23 38.99 -29.19
N PHE A 48 -21.22 39.39 -29.97
CA PHE A 48 -21.39 39.72 -31.43
C PHE A 48 -21.82 38.46 -32.19
N ILE A 49 -21.19 37.30 -31.90
CA ILE A 49 -21.42 36.01 -32.61
C ILE A 49 -22.88 35.60 -32.39
N LEU A 50 -23.33 35.61 -31.13
CA LEU A 50 -24.72 35.24 -30.76
C LEU A 50 -25.72 36.18 -31.44
N GLU A 51 -25.47 37.49 -31.38
CA GLU A 51 -26.33 38.54 -31.97
C GLU A 51 -26.48 38.28 -33.49
N LYS A 52 -25.36 38.06 -34.18
CA LYS A 52 -25.28 37.88 -35.66
C LYS A 52 -26.11 36.66 -36.10
N PHE A 53 -26.07 35.54 -35.35
CA PHE A 53 -26.76 34.27 -35.70
C PHE A 53 -28.09 34.13 -34.94
N GLY A 54 -28.41 35.03 -34.01
CA GLY A 54 -29.78 35.22 -33.51
C GLY A 54 -30.08 34.43 -32.24
N PHE A 55 -29.09 34.25 -31.37
CA PHE A 55 -29.16 33.40 -30.15
C PHE A 55 -29.14 34.29 -28.92
N GLU A 56 -29.80 33.83 -27.86
CA GLU A 56 -29.70 34.38 -26.47
C GLU A 56 -28.49 33.74 -25.79
N ALA A 57 -27.77 34.51 -24.99
CA ALA A 57 -26.73 34.02 -24.06
C ALA A 57 -27.25 32.82 -23.27
N PRO A 58 -26.41 31.79 -23.03
CA PRO A 58 -26.74 30.74 -22.06
C PRO A 58 -27.08 31.31 -20.66
N GLU A 59 -27.82 30.56 -19.86
CA GLU A 59 -28.20 30.95 -18.48
C GLU A 59 -26.92 31.12 -17.64
N TYR A 60 -26.75 32.25 -16.97
CA TYR A 60 -25.67 32.43 -15.95
C TYR A 60 -26.00 31.58 -14.72
N LYS A 61 -25.12 30.63 -14.39
CA LYS A 61 -25.33 29.68 -13.26
C LYS A 61 -23.97 29.28 -12.70
N THR A 62 -23.78 29.44 -11.38
CA THR A 62 -22.49 29.17 -10.68
C THR A 62 -22.60 27.97 -9.73
N SER A 63 -23.80 27.63 -9.26
CA SER A 63 -23.98 26.49 -8.32
C SER A 63 -24.62 25.29 -9.04
N TYR A 64 -23.95 24.12 -8.99
CA TYR A 64 -24.28 22.88 -9.73
C TYR A 64 -24.46 21.70 -8.79
N ALA A 65 -24.21 21.87 -7.48
CA ALA A 65 -24.41 20.82 -6.47
C ALA A 65 -25.73 20.10 -6.76
N GLY A 66 -25.71 18.76 -6.84
CA GLY A 66 -26.88 17.90 -7.04
C GLY A 66 -27.41 17.88 -8.47
N GLU A 67 -26.73 18.51 -9.43
CA GLU A 67 -27.17 18.58 -10.86
C GLU A 67 -26.27 17.70 -11.74
N GLU A 68 -26.77 17.40 -12.94
CA GLU A 68 -26.04 16.74 -14.04
C GLU A 68 -25.37 17.81 -14.88
N VAL A 69 -24.10 17.61 -15.21
CA VAL A 69 -23.23 18.63 -15.84
C VAL A 69 -22.50 17.96 -17.01
N TYR A 70 -22.56 18.58 -18.18
CA TYR A 70 -21.72 18.23 -19.35
C TYR A 70 -20.68 19.32 -19.50
N ILE A 71 -19.42 18.98 -19.28
CA ILE A 71 -18.29 19.94 -19.29
C ILE A 71 -17.83 20.19 -20.74
N VAL A 72 -17.58 21.45 -21.11
CA VAL A 72 -17.03 21.85 -22.44
C VAL A 72 -15.68 22.57 -22.26
N ASP A 73 -14.66 22.17 -23.04
CA ASP A 73 -13.46 23.00 -23.36
C ASP A 73 -12.51 23.07 -22.16
N HIS A 74 -12.59 22.12 -21.26
CA HIS A 74 -11.54 21.86 -20.23
C HIS A 74 -11.76 20.46 -19.62
N SER A 75 -10.82 20.00 -18.80
CA SER A 75 -11.01 18.83 -17.92
C SER A 75 -10.31 19.10 -16.58
N GLU A 76 -10.40 20.34 -16.10
CA GLU A 76 -9.70 20.83 -14.89
C GLU A 76 -10.73 21.15 -13.78
N ILE A 77 -10.36 20.87 -12.53
CA ILE A 77 -11.13 21.26 -11.32
C ILE A 77 -11.21 22.79 -11.26
N THR A 78 -10.09 23.53 -11.42
CA THR A 78 -10.03 25.00 -11.17
C THR A 78 -10.92 25.73 -12.18
N GLN A 79 -11.03 25.23 -13.43
CA GLN A 79 -11.86 25.86 -14.48
C GLN A 79 -13.31 25.42 -14.38
N ALA A 80 -13.62 24.43 -13.53
CA ALA A 80 -14.98 23.89 -13.31
C ALA A 80 -15.73 24.76 -12.31
N PRO A 81 -17.08 24.63 -12.21
CA PRO A 81 -17.85 25.30 -11.16
C PRO A 81 -17.29 25.00 -9.77
N ASP A 82 -17.39 25.93 -8.82
CA ASP A 82 -16.75 25.78 -7.49
C ASP A 82 -17.15 24.44 -6.87
N ASP A 83 -18.42 24.08 -7.03
CA ASP A 83 -19.09 22.95 -6.31
C ASP A 83 -19.25 21.74 -7.24
N ILE A 84 -18.29 21.51 -8.14
CA ILE A 84 -18.33 20.43 -9.19
C ILE A 84 -18.24 19.06 -8.52
N ALA A 85 -17.53 18.98 -7.39
CA ALA A 85 -17.41 17.75 -6.55
C ALA A 85 -18.81 17.26 -6.11
N GLN A 86 -19.76 18.18 -5.89
CA GLN A 86 -21.14 17.85 -5.43
C GLN A 86 -22.08 17.66 -6.63
N ALA A 87 -21.60 17.84 -7.86
CA ALA A 87 -22.40 17.56 -9.09
C ALA A 87 -22.00 16.18 -9.63
N THR A 88 -22.71 15.73 -10.66
CA THR A 88 -22.43 14.51 -11.43
C THR A 88 -22.07 14.95 -12.86
N ILE A 89 -20.81 14.77 -13.24
CA ILE A 89 -20.32 14.98 -14.62
C ILE A 89 -20.86 13.82 -15.46
N VAL A 90 -21.70 14.08 -16.46
CA VAL A 90 -22.27 13.01 -17.34
C VAL A 90 -21.53 13.03 -18.69
N GLY A 91 -20.74 14.07 -18.96
CA GLY A 91 -20.04 14.24 -20.24
C GLY A 91 -18.86 15.18 -20.11
N ILE A 92 -17.82 14.96 -20.89
CA ILE A 92 -16.78 15.99 -21.18
C ILE A 92 -16.53 16.01 -22.69
N VAL A 93 -16.59 17.19 -23.30
CA VAL A 93 -16.13 17.40 -24.70
C VAL A 93 -15.06 18.50 -24.69
N ASP A 94 -13.86 18.19 -25.17
CA ASP A 94 -12.68 19.08 -25.03
C ASP A 94 -11.61 18.72 -26.07
N HIS A 95 -10.55 19.54 -26.12
CA HIS A 95 -9.38 19.36 -27.01
C HIS A 95 -8.12 19.74 -26.24
N HIS A 96 -8.12 19.61 -24.91
CA HIS A 96 -6.93 19.85 -24.06
C HIS A 96 -6.39 18.53 -23.51
N LYS A 97 -5.22 18.63 -22.87
CA LYS A 97 -4.63 17.62 -21.98
C LYS A 97 -5.68 17.19 -20.94
N LEU A 98 -5.57 15.95 -20.47
CA LEU A 98 -6.51 15.38 -19.49
C LEU A 98 -6.08 15.89 -18.10
N GLY A 99 -6.96 16.69 -17.47
CA GLY A 99 -6.72 17.29 -16.15
C GLY A 99 -7.29 16.45 -15.04
N ASP A 100 -7.53 17.07 -13.89
CA ASP A 100 -7.71 16.37 -12.60
C ASP A 100 -9.21 16.16 -12.32
N LEU A 101 -10.08 16.47 -13.27
CA LEU A 101 -11.51 16.07 -13.13
C LEU A 101 -11.55 14.56 -13.03
N THR A 102 -12.45 14.05 -12.18
CA THR A 102 -12.75 12.62 -11.95
C THR A 102 -14.25 12.49 -11.68
N THR A 103 -14.80 11.30 -11.89
CA THR A 103 -16.22 10.99 -11.62
C THR A 103 -16.24 9.69 -10.83
N SER A 104 -17.35 9.40 -10.17
CA SER A 104 -17.56 8.10 -9.49
C SER A 104 -18.52 7.26 -10.34
N THR A 105 -18.91 7.78 -11.51
CA THR A 105 -19.97 7.19 -12.38
C THR A 105 -19.53 7.19 -13.84
N PRO A 106 -19.97 6.17 -14.62
CA PRO A 106 -19.73 6.12 -16.06
C PRO A 106 -20.11 7.45 -16.72
N LEU A 107 -19.45 7.87 -17.79
CA LEU A 107 -19.82 9.11 -18.52
C LEU A 107 -19.42 8.99 -19.98
N GLU A 108 -19.73 10.01 -20.78
CA GLU A 108 -19.13 10.19 -22.14
C GLU A 108 -17.91 11.12 -22.04
N CYS A 109 -16.81 10.76 -22.70
CA CYS A 109 -15.75 11.72 -23.08
C CYS A 109 -15.54 11.72 -24.60
N TRP A 110 -15.75 12.90 -25.21
CA TRP A 110 -15.28 13.22 -26.58
C TRP A 110 -14.12 14.23 -26.50
N ILE A 111 -12.90 13.72 -26.41
CA ILE A 111 -11.66 14.54 -26.38
C ILE A 111 -10.82 14.17 -27.61
N ARG A 112 -10.38 15.16 -28.36
CA ARG A 112 -9.54 14.95 -29.56
C ARG A 112 -8.43 15.99 -29.58
N PRO A 113 -7.23 15.65 -30.09
CA PRO A 113 -6.12 16.61 -30.19
C PRO A 113 -6.31 17.56 -31.38
N VAL A 114 -7.30 18.46 -31.26
CA VAL A 114 -7.69 19.45 -32.29
C VAL A 114 -7.64 20.83 -31.62
N GLY A 115 -7.96 21.87 -32.37
CA GLY A 115 -7.82 23.28 -31.95
C GLY A 115 -9.09 23.85 -31.31
N CYS A 116 -10.18 23.08 -31.24
CA CYS A 116 -11.50 23.61 -30.82
C CYS A 116 -12.51 22.52 -30.43
N SER A 117 -13.15 22.67 -29.27
CA SER A 117 -14.22 21.78 -28.76
C SER A 117 -15.34 21.67 -29.79
N ASN A 118 -15.62 22.76 -30.49
CA ASN A 118 -16.74 22.84 -31.46
C ASN A 118 -16.43 21.93 -32.67
N THR A 119 -15.15 21.67 -32.94
CA THR A 119 -14.73 20.69 -33.98
C THR A 119 -15.17 19.29 -33.59
N VAL A 120 -14.99 18.94 -32.32
CA VAL A 120 -15.43 17.64 -31.74
C VAL A 120 -16.96 17.59 -31.76
N ILE A 121 -17.64 18.66 -31.36
CA ILE A 121 -19.13 18.70 -31.23
C ILE A 121 -19.71 18.47 -32.64
N LYS A 122 -19.01 18.90 -33.69
CA LYS A 122 -19.46 18.64 -35.08
C LYS A 122 -19.43 17.12 -35.33
N MET A 123 -18.38 16.43 -34.83
CA MET A 123 -18.24 14.95 -34.95
C MET A 123 -19.43 14.28 -34.26
N MET A 124 -19.92 14.84 -33.13
CA MET A 124 -21.04 14.30 -32.32
C MET A 124 -22.34 14.34 -33.13
N TYR A 125 -22.58 15.43 -33.84
CA TYR A 125 -23.76 15.58 -34.73
C TYR A 125 -23.72 14.49 -35.81
N ASP A 126 -22.57 14.32 -36.46
CA ASP A 126 -22.36 13.30 -37.52
C ASP A 126 -22.60 11.90 -36.93
N PHE A 127 -22.07 11.61 -35.74
CA PHE A 127 -22.23 10.29 -35.09
C PHE A 127 -23.72 10.03 -34.86
N TYR A 128 -24.47 11.05 -34.40
CA TYR A 128 -25.91 10.90 -34.06
C TYR A 128 -26.77 11.00 -35.33
N GLN A 129 -26.22 11.44 -36.45
CA GLN A 129 -26.95 11.68 -37.73
C GLN A 129 -28.08 12.68 -37.46
N VAL A 130 -27.77 13.77 -36.75
CA VAL A 130 -28.67 14.95 -36.58
C VAL A 130 -28.16 16.05 -37.51
N LYS A 131 -29.01 16.62 -38.36
CA LYS A 131 -28.64 17.76 -39.23
C LYS A 131 -28.32 18.96 -38.33
N ILE A 132 -27.26 19.69 -38.67
CA ILE A 132 -26.85 20.95 -37.98
C ILE A 132 -27.67 22.08 -38.57
N PRO A 133 -28.56 22.75 -37.80
CA PRO A 133 -29.26 23.92 -38.31
C PRO A 133 -28.28 25.06 -38.62
N ALA A 134 -28.59 25.83 -39.68
CA ALA A 134 -27.76 26.91 -40.24
C ALA A 134 -27.27 27.86 -39.14
N ASN A 135 -28.13 28.22 -38.17
CA ASN A 135 -27.77 29.19 -37.11
C ASN A 135 -26.68 28.57 -36.22
N ILE A 136 -26.84 27.31 -35.84
CA ILE A 136 -25.91 26.56 -34.96
C ILE A 136 -24.58 26.39 -35.67
N ALA A 137 -24.62 26.01 -36.95
CA ALA A 137 -23.41 25.80 -37.76
C ALA A 137 -22.54 27.05 -37.67
N GLY A 138 -23.13 28.24 -37.83
CA GLY A 138 -22.46 29.54 -37.87
C GLY A 138 -21.74 29.87 -36.58
N ILE A 139 -22.35 29.71 -35.42
CA ILE A 139 -21.67 30.01 -34.12
C ILE A 139 -20.62 28.93 -33.90
N MET A 140 -20.86 27.69 -34.36
CA MET A 140 -19.86 26.59 -34.25
C MET A 140 -18.63 26.98 -35.07
N MET A 141 -18.85 27.32 -36.35
CA MET A 141 -17.83 27.92 -37.27
C MET A 141 -16.99 28.99 -36.55
N CYS A 142 -17.64 30.01 -35.99
CA CYS A 142 -17.02 31.23 -35.38
C CYS A 142 -16.16 30.85 -34.17
N ALA A 143 -16.65 29.90 -33.36
CA ALA A 143 -15.90 29.34 -32.21
C ALA A 143 -14.57 28.78 -32.72
N ILE A 144 -14.56 28.08 -33.85
CA ILE A 144 -13.31 27.44 -34.36
C ILE A 144 -12.37 28.54 -34.90
N LEU A 145 -12.91 29.54 -35.59
CA LEU A 145 -12.13 30.71 -36.11
C LEU A 145 -11.58 31.51 -34.93
N SER A 146 -12.33 31.57 -33.83
CA SER A 146 -11.92 32.25 -32.58
C SER A 146 -10.72 31.51 -31.97
N ASP A 147 -10.85 30.20 -31.76
CA ASP A 147 -9.86 29.32 -31.10
C ASP A 147 -8.59 29.19 -31.95
N THR A 148 -8.73 28.98 -33.26
CA THR A 148 -7.58 28.70 -34.17
C THR A 148 -7.06 30.01 -34.78
N VAL A 149 -7.70 31.15 -34.45
CA VAL A 149 -7.31 32.50 -34.93
C VAL A 149 -7.30 32.49 -36.46
N ILE A 150 -8.45 32.14 -37.05
CA ILE A 150 -8.66 32.04 -38.52
C ILE A 150 -7.55 31.16 -39.11
N PHE A 151 -7.22 30.06 -38.42
CA PHE A 151 -6.30 28.98 -38.87
C PHE A 151 -4.82 29.39 -38.69
N LYS A 152 -4.52 30.62 -38.26
CA LYS A 152 -3.12 31.13 -38.12
C LYS A 152 -2.48 30.53 -36.87
N SER A 153 -3.22 30.30 -35.79
CA SER A 153 -2.67 29.70 -34.55
C SER A 153 -2.06 28.33 -34.87
N PRO A 154 -0.88 27.98 -34.28
CA PRO A 154 -0.33 26.64 -34.41
C PRO A 154 -1.14 25.55 -33.68
N THR A 155 -2.22 25.90 -32.96
CA THR A 155 -3.20 24.91 -32.39
C THR A 155 -4.12 24.42 -33.50
N CYS A 156 -4.24 25.18 -34.59
CA CYS A 156 -5.05 24.78 -35.76
C CYS A 156 -4.61 23.41 -36.27
N THR A 157 -5.53 22.46 -36.41
CA THR A 157 -5.24 21.14 -37.05
C THR A 157 -6.10 21.00 -38.31
N THR A 158 -5.81 19.97 -39.09
CA THR A 158 -6.52 19.57 -40.32
C THR A 158 -8.02 19.46 -40.02
N ALA A 159 -8.36 18.88 -38.86
CA ALA A 159 -9.76 18.60 -38.49
C ALA A 159 -10.54 19.91 -38.33
N ASP A 160 -9.92 20.93 -37.73
CA ASP A 160 -10.50 22.29 -37.56
C ASP A 160 -10.79 22.92 -38.93
N ILE A 161 -9.86 22.87 -39.89
CA ILE A 161 -9.99 23.53 -41.22
C ILE A 161 -11.15 22.88 -42.00
N ARG A 162 -11.11 21.56 -42.18
CA ARG A 162 -12.15 20.77 -42.93
C ARG A 162 -13.53 21.03 -42.29
N CYS A 163 -13.58 21.04 -40.96
CA CYS A 163 -14.85 21.25 -40.21
C CYS A 163 -15.39 22.68 -40.45
N VAL A 164 -14.58 23.73 -40.37
CA VAL A 164 -15.03 25.12 -40.73
C VAL A 164 -15.56 25.10 -42.17
N GLU A 165 -14.81 24.53 -43.12
CA GLU A 165 -15.26 24.53 -44.54
C GLU A 165 -16.64 23.89 -44.59
N ALA A 166 -16.85 22.76 -43.89
CA ALA A 166 -18.13 22.00 -43.84
C ALA A 166 -19.26 22.87 -43.27
N LEU A 167 -18.99 23.57 -42.15
CA LEU A 167 -19.98 24.37 -41.38
C LEU A 167 -20.37 25.62 -42.19
N ALA A 168 -19.40 26.31 -42.78
CA ALA A 168 -19.61 27.47 -43.69
C ALA A 168 -20.72 27.16 -44.70
N GLU A 169 -20.65 26.02 -45.39
CA GLU A 169 -21.67 25.64 -46.40
C GLU A 169 -23.04 25.45 -45.72
N ILE A 170 -23.09 24.77 -44.58
CA ILE A 170 -24.37 24.48 -43.87
C ILE A 170 -25.01 25.81 -43.43
N ALA A 171 -24.22 26.77 -42.94
CA ALA A 171 -24.68 28.09 -42.41
C ALA A 171 -24.93 29.08 -43.57
N GLY A 172 -24.54 28.71 -44.79
CA GLY A 172 -24.64 29.58 -45.98
C GLY A 172 -23.79 30.82 -45.82
N VAL A 173 -22.63 30.68 -45.19
CA VAL A 173 -21.57 31.72 -45.16
C VAL A 173 -20.68 31.49 -46.38
N GLU A 174 -20.59 32.48 -47.27
CA GLU A 174 -19.76 32.41 -48.51
C GLU A 174 -18.29 32.70 -48.15
N ASP A 175 -18.07 33.69 -47.29
CA ASP A 175 -16.71 34.24 -46.97
C ASP A 175 -16.45 34.03 -45.46
N PHE A 176 -16.11 32.81 -45.04
CA PHE A 176 -15.95 32.46 -43.61
C PHE A 176 -14.81 33.29 -43.03
N LYS A 177 -13.79 33.61 -43.85
CA LYS A 177 -12.59 34.39 -43.46
C LYS A 177 -13.00 35.84 -43.13
N GLU A 178 -13.94 36.41 -43.88
CA GLU A 178 -14.45 37.79 -43.61
C GLU A 178 -15.21 37.79 -42.28
N VAL A 179 -15.95 36.73 -41.95
CA VAL A 179 -16.70 36.65 -40.66
C VAL A 179 -15.68 36.54 -39.52
N GLY A 180 -14.56 35.85 -39.79
CA GLY A 180 -13.41 35.72 -38.87
C GLY A 180 -12.78 37.06 -38.56
N MET A 181 -12.50 37.84 -39.61
CA MET A 181 -11.88 39.18 -39.49
C MET A 181 -12.88 40.11 -38.78
N ASP A 182 -14.19 39.99 -39.10
CA ASP A 182 -15.27 40.76 -38.41
C ASP A 182 -15.19 40.53 -36.89
N MET A 183 -14.95 39.29 -36.44
CA MET A 183 -14.82 38.91 -35.02
C MET A 183 -13.62 39.63 -34.39
N PHE A 184 -12.46 39.58 -35.03
CA PHE A 184 -11.18 40.13 -34.52
C PHE A 184 -11.19 41.66 -34.61
N LYS A 185 -11.94 42.23 -35.56
CA LYS A 185 -12.25 43.69 -35.53
C LYS A 185 -13.04 44.02 -34.24
N VAL A 186 -14.10 43.27 -33.91
CA VAL A 186 -14.85 43.53 -32.65
C VAL A 186 -13.90 43.40 -31.45
N LYS A 187 -12.94 42.46 -31.49
CA LYS A 187 -11.98 42.22 -30.37
C LYS A 187 -10.98 43.40 -30.29
N SER A 188 -10.78 44.08 -31.42
CA SER A 188 -9.80 45.18 -31.60
C SER A 188 -10.35 46.51 -31.07
N ALA A 189 -11.67 46.62 -30.88
CA ALA A 189 -12.36 47.82 -30.35
C ALA A 189 -12.19 47.90 -28.82
N VAL A 190 -11.00 48.29 -28.36
CA VAL A 190 -10.60 48.31 -26.91
C VAL A 190 -10.69 49.73 -26.32
N GLU A 191 -10.91 50.77 -27.13
CA GLU A 191 -10.95 52.17 -26.60
C GLU A 191 -12.20 52.32 -25.72
N GLY A 192 -12.03 52.98 -24.57
CA GLY A 192 -13.12 53.33 -23.64
C GLY A 192 -13.40 52.24 -22.63
N THR A 193 -12.67 51.12 -22.67
CA THR A 193 -12.83 49.96 -21.74
C THR A 193 -11.80 50.10 -20.62
N PRO A 194 -12.24 50.14 -19.33
CA PRO A 194 -11.32 50.18 -18.21
C PRO A 194 -10.25 49.09 -18.31
N ALA A 195 -9.00 49.42 -17.95
CA ALA A 195 -7.80 48.56 -18.03
C ALA A 195 -8.08 47.18 -17.42
N ARG A 196 -8.80 47.12 -16.30
CA ARG A 196 -9.03 45.87 -15.52
C ARG A 196 -9.92 44.93 -16.34
N ASP A 197 -10.96 45.47 -16.98
CA ASP A 197 -11.85 44.69 -17.88
C ASP A 197 -11.01 44.04 -18.99
N LEU A 198 -9.99 44.75 -19.50
CA LEU A 198 -9.12 44.25 -20.59
C LEU A 198 -8.15 43.18 -20.06
N VAL A 199 -7.56 43.41 -18.89
CA VAL A 199 -6.61 42.45 -18.26
C VAL A 199 -7.33 41.12 -17.97
N MET A 200 -8.59 41.16 -17.54
CA MET A 200 -9.39 40.00 -17.05
C MET A 200 -10.21 39.35 -18.18
N ARG A 201 -10.30 39.97 -19.36
CA ARG A 201 -11.16 39.49 -20.48
C ARG A 201 -10.91 38.01 -20.74
N ASP A 202 -9.64 37.62 -20.89
CA ASP A 202 -9.19 36.19 -20.95
C ASP A 202 -7.95 36.04 -20.07
N PHE A 203 -8.15 35.97 -18.74
CA PHE A 203 -7.07 35.88 -17.72
C PHE A 203 -7.16 34.54 -16.99
N LYS A 204 -6.01 33.89 -16.78
CA LYS A 204 -5.86 32.59 -16.09
C LYS A 204 -4.72 32.66 -15.07
N ASP A 205 -4.90 32.00 -13.93
CA ASP A 205 -3.85 31.84 -12.89
C ASP A 205 -3.20 30.45 -13.06
N PHE A 206 -1.88 30.40 -12.94
CA PHE A 206 -1.05 29.18 -13.05
C PHE A 206 -0.23 29.05 -11.76
N ASN A 207 -0.13 27.83 -11.23
CA ASN A 207 0.78 27.46 -10.13
C ASN A 207 1.97 26.72 -10.74
N MET A 208 3.06 27.46 -11.01
CA MET A 208 4.30 26.96 -11.66
C MET A 208 5.36 26.70 -10.58
N ASN A 209 5.40 25.46 -10.07
CA ASN A 209 6.39 24.98 -9.07
C ASN A 209 6.33 25.89 -7.83
N GLY A 210 5.13 26.07 -7.26
CA GLY A 210 4.88 26.82 -6.01
C GLY A 210 4.63 28.32 -6.21
N ASN A 211 4.86 28.85 -7.43
CA ASN A 211 4.82 30.30 -7.75
C ASN A 211 3.53 30.61 -8.52
N LEU A 212 2.78 31.63 -8.07
CA LEU A 212 1.49 32.03 -8.67
C LEU A 212 1.73 33.06 -9.79
N VAL A 213 1.45 32.64 -11.03
CA VAL A 213 1.70 33.42 -12.27
C VAL A 213 0.37 33.61 -12.99
N GLY A 214 -0.09 34.86 -13.10
CA GLY A 214 -1.30 35.25 -13.83
C GLY A 214 -0.97 35.75 -15.23
N ILE A 215 -1.73 35.30 -16.25
CA ILE A 215 -1.48 35.64 -17.68
C ILE A 215 -2.81 36.03 -18.35
N GLY A 216 -2.92 37.30 -18.77
CA GLY A 216 -4.02 37.80 -19.63
C GLY A 216 -3.61 37.73 -21.09
N GLN A 217 -4.58 37.78 -22.01
CA GLN A 217 -4.31 37.89 -23.46
C GLN A 217 -5.43 38.67 -24.13
N LEU A 218 -5.09 39.64 -24.99
CA LEU A 218 -6.00 40.28 -25.97
C LEU A 218 -5.47 40.01 -27.38
N GLU A 219 -6.35 39.60 -28.30
CA GLU A 219 -6.02 39.32 -29.72
C GLU A 219 -6.69 40.40 -30.57
N VAL A 220 -5.91 41.20 -31.30
CA VAL A 220 -6.42 42.35 -32.09
C VAL A 220 -5.81 42.29 -33.49
N ILE A 221 -6.38 43.05 -34.42
CA ILE A 221 -5.93 43.14 -35.83
C ILE A 221 -4.70 44.05 -35.91
N ASP A 222 -4.60 45.05 -35.04
CA ASP A 222 -3.47 46.01 -35.07
C ASP A 222 -3.07 46.38 -33.64
N LEU A 223 -1.80 46.15 -33.32
CA LEU A 223 -1.18 46.38 -31.98
C LEU A 223 -1.21 47.87 -31.60
N ALA A 224 -1.32 48.77 -32.58
CA ALA A 224 -1.35 50.25 -32.42
C ALA A 224 -2.56 50.72 -31.59
N VAL A 225 -3.64 49.93 -31.51
CA VAL A 225 -4.89 50.29 -30.79
C VAL A 225 -4.58 50.48 -29.28
N PHE A 226 -3.51 49.87 -28.78
CA PHE A 226 -3.16 49.86 -27.34
C PHE A 226 -2.26 51.07 -26.97
N ASP A 227 -1.79 51.84 -27.97
CA ASP A 227 -0.74 52.90 -27.81
C ASP A 227 -1.07 53.84 -26.64
N ASP A 228 -2.30 54.37 -26.58
CA ASP A 228 -2.70 55.44 -25.63
C ASP A 228 -3.10 54.85 -24.26
N ILE A 229 -3.45 53.57 -24.20
CA ILE A 229 -3.97 52.91 -22.98
C ILE A 229 -2.90 51.99 -22.35
N LYS A 230 -1.76 51.80 -23.03
CA LYS A 230 -0.69 50.83 -22.66
C LYS A 230 -0.13 51.10 -21.26
N ALA A 231 0.02 52.37 -20.89
CA ALA A 231 0.55 52.81 -19.58
C ALA A 231 -0.44 52.43 -18.46
N ASP A 232 -1.74 52.62 -18.71
CA ASP A 232 -2.84 52.23 -17.78
C ASP A 232 -2.82 50.71 -17.57
N LEU A 233 -2.54 49.94 -18.64
CA LEU A 233 -2.43 48.46 -18.58
C LEU A 233 -1.26 48.08 -17.66
N GLU A 234 -0.09 48.68 -17.87
CA GLU A 234 1.14 48.37 -17.10
C GLU A 234 0.94 48.68 -15.61
N ALA A 235 0.17 49.74 -15.32
CA ALA A 235 -0.16 50.18 -13.94
C ALA A 235 -1.14 49.18 -13.31
N ASP A 236 -2.05 48.63 -14.11
CA ASP A 236 -3.13 47.76 -13.58
C ASP A 236 -2.61 46.34 -13.34
N ILE A 237 -1.61 45.88 -14.11
CA ILE A 237 -1.01 44.52 -13.92
C ILE A 237 -0.08 44.55 -12.70
N ALA A 238 0.48 45.71 -12.35
CA ALA A 238 1.24 45.94 -11.10
C ALA A 238 0.27 45.84 -9.91
N LYS A 239 -0.85 46.58 -9.96
CA LYS A 239 -1.93 46.52 -8.93
C LYS A 239 -2.35 45.06 -8.70
N LEU A 240 -2.68 44.36 -9.78
CA LEU A 240 -3.29 42.99 -9.75
C LEU A 240 -2.28 42.01 -9.13
N LYS A 241 -0.99 42.18 -9.43
CA LYS A 241 0.14 41.37 -8.89
C LYS A 241 0.11 41.43 -7.36
N VAL A 242 -0.16 42.63 -6.82
CA VAL A 242 -0.25 42.90 -5.36
C VAL A 242 -1.55 42.29 -4.84
N GLU A 243 -2.67 42.54 -5.52
CA GLU A 243 -4.03 42.20 -5.04
C GLU A 243 -4.14 40.68 -4.82
N GLY A 244 -3.37 39.87 -5.57
CA GLY A 244 -3.43 38.40 -5.46
C GLY A 244 -2.19 37.81 -4.82
N ASN A 245 -1.22 38.65 -4.42
CA ASN A 245 0.11 38.19 -3.93
C ASN A 245 0.72 37.27 -4.98
N ARG A 246 0.81 37.74 -6.24
CA ARG A 246 1.35 36.96 -7.39
C ARG A 246 2.84 37.22 -7.55
N HIS A 247 3.60 36.17 -7.86
CA HIS A 247 5.03 36.21 -8.27
C HIS A 247 5.18 37.06 -9.55
N SER A 248 4.27 36.87 -10.52
CA SER A 248 4.34 37.45 -11.88
C SER A 248 2.94 37.69 -12.45
N VAL A 249 2.72 38.85 -13.08
CA VAL A 249 1.53 39.14 -13.93
C VAL A 249 2.02 39.56 -15.31
N LEU A 250 1.61 38.83 -16.36
CA LEU A 250 1.99 39.09 -17.78
C LEU A 250 0.72 39.30 -18.60
N LEU A 251 0.75 40.27 -19.53
CA LEU A 251 -0.36 40.57 -20.47
C LEU A 251 0.17 40.44 -21.90
N LEU A 252 -0.41 39.50 -22.66
CA LEU A 252 -0.10 39.29 -24.10
C LEU A 252 -0.96 40.25 -24.92
N LEU A 253 -0.34 41.19 -25.64
CA LEU A 253 -1.01 41.99 -26.71
C LEU A 253 -0.67 41.32 -28.03
N THR A 254 -1.61 40.54 -28.58
CA THR A 254 -1.39 39.61 -29.73
C THR A 254 -1.94 40.27 -31.02
N ASP A 255 -1.05 40.56 -31.97
CA ASP A 255 -1.38 41.12 -33.31
C ASP A 255 -1.54 39.93 -34.26
N ILE A 256 -2.77 39.67 -34.73
CA ILE A 256 -3.07 38.43 -35.52
C ILE A 256 -2.62 38.64 -36.98
N MET A 257 -2.30 39.87 -37.38
CA MET A 257 -1.79 40.18 -38.76
C MET A 257 -0.26 40.04 -38.78
N LYS A 258 0.46 40.65 -37.82
CA LYS A 258 1.93 40.46 -37.68
C LYS A 258 2.23 39.04 -37.19
N GLU A 259 1.25 38.37 -36.60
CA GLU A 259 1.35 36.99 -36.03
C GLU A 259 2.42 36.99 -34.95
N GLY A 260 2.30 37.89 -33.97
CA GLY A 260 3.19 37.97 -32.81
C GLY A 260 2.49 38.58 -31.60
N SER A 261 3.16 38.57 -30.44
CA SER A 261 2.60 39.11 -29.16
C SER A 261 3.62 40.03 -28.47
N GLU A 262 3.22 41.26 -28.16
CA GLU A 262 3.96 42.13 -27.21
C GLU A 262 3.52 41.75 -25.79
N MET A 263 4.47 41.34 -24.94
CA MET A 263 4.18 40.86 -23.55
C MET A 263 4.58 41.95 -22.55
N LEU A 264 3.62 42.48 -21.80
CA LEU A 264 3.86 43.37 -20.63
C LEU A 264 4.15 42.49 -19.41
N VAL A 265 5.23 42.78 -18.68
CA VAL A 265 5.75 41.92 -17.58
C VAL A 265 5.90 42.75 -16.30
N VAL A 266 5.31 42.26 -15.20
CA VAL A 266 5.69 42.61 -13.80
C VAL A 266 5.95 41.28 -13.08
N SER A 267 7.18 41.10 -12.58
CA SER A 267 7.68 39.82 -12.01
C SER A 267 8.61 40.10 -10.82
N ASP A 268 8.63 39.19 -9.85
CA ASP A 268 9.63 39.15 -8.75
C ASP A 268 10.97 38.70 -9.32
N SER A 269 10.96 38.04 -10.48
CA SER A 269 12.17 37.60 -11.23
C SER A 269 12.46 38.61 -12.35
N ALA A 270 13.57 39.33 -12.22
CA ALA A 270 14.01 40.44 -13.12
C ALA A 270 14.35 39.91 -14.51
N ASP A 271 14.80 38.66 -14.63
CA ASP A 271 15.27 38.05 -15.91
C ASP A 271 14.29 36.95 -16.38
N LEU A 272 12.98 37.11 -16.10
CA LEU A 272 11.95 36.05 -16.34
C LEU A 272 11.90 35.68 -17.82
N THR A 273 11.73 36.68 -18.71
CA THR A 273 11.51 36.46 -20.16
C THR A 273 12.84 36.08 -20.84
N GLU A 274 13.97 36.41 -20.23
CA GLU A 274 15.33 36.03 -20.72
C GLU A 274 15.54 34.51 -20.51
N ARG A 275 15.08 33.99 -19.37
CA ARG A 275 15.26 32.58 -18.96
C ARG A 275 14.30 31.68 -19.76
N ALA A 276 13.03 32.08 -19.88
CA ALA A 276 11.94 31.28 -20.48
C ALA A 276 11.98 31.30 -22.01
N TYR A 277 12.29 32.45 -22.63
CA TYR A 277 12.15 32.67 -24.10
C TYR A 277 13.49 33.02 -24.77
N GLY A 278 14.55 33.29 -23.99
CA GLY A 278 15.86 33.74 -24.49
C GLY A 278 15.76 35.14 -25.10
N LYS A 279 14.78 35.94 -24.67
CA LYS A 279 14.58 37.35 -25.12
C LYS A 279 14.23 38.19 -23.89
N PRO A 280 15.10 39.13 -23.49
CA PRO A 280 14.89 39.90 -22.25
C PRO A 280 13.79 40.95 -22.41
N THR A 281 13.14 41.33 -21.30
CA THR A 281 12.18 42.45 -21.21
C THR A 281 12.96 43.77 -21.14
N VAL A 282 12.44 44.81 -21.79
CA VAL A 282 13.02 46.19 -21.80
C VAL A 282 11.94 47.15 -21.29
N ASP A 283 12.08 47.60 -20.03
CA ASP A 283 11.12 48.47 -19.32
C ASP A 283 9.78 47.72 -19.18
N GLY A 284 9.84 46.44 -18.81
CA GLY A 284 8.69 45.55 -18.58
C GLY A 284 7.90 45.29 -19.86
N ARG A 285 8.60 45.10 -20.98
CA ARG A 285 8.03 44.84 -22.33
C ARG A 285 9.00 44.00 -23.15
N VAL A 286 8.49 43.06 -23.94
CA VAL A 286 9.29 42.23 -24.90
C VAL A 286 8.39 41.81 -26.08
N TRP A 287 8.90 41.93 -27.31
CA TRP A 287 8.22 41.43 -28.53
C TRP A 287 8.58 39.94 -28.74
N LEU A 288 7.57 39.08 -28.88
CA LEU A 288 7.75 37.62 -29.09
C LEU A 288 7.25 37.26 -30.49
N ASP A 289 8.16 37.21 -31.46
CA ASP A 289 7.83 36.95 -32.89
C ASP A 289 7.11 35.61 -33.02
N GLY A 290 6.07 35.52 -33.84
CA GLY A 290 5.38 34.25 -34.16
C GLY A 290 4.44 33.75 -33.05
N VAL A 291 4.36 34.41 -31.90
CA VAL A 291 3.61 33.90 -30.71
C VAL A 291 2.14 34.32 -30.80
N LEU A 292 1.25 33.32 -30.87
CA LEU A 292 -0.22 33.52 -30.97
C LEU A 292 -0.94 32.82 -29.82
N SER A 293 -0.49 31.63 -29.42
CA SER A 293 -1.19 30.72 -28.49
C SER A 293 -0.56 30.75 -27.09
N ARG A 294 -1.36 31.01 -26.06
CA ARG A 294 -0.91 30.98 -24.65
C ARG A 294 -0.54 29.55 -24.26
N LYS A 295 -1.40 28.56 -24.56
CA LYS A 295 -1.22 27.17 -24.02
C LYS A 295 -0.08 26.46 -24.76
N LYS A 296 0.35 26.92 -25.93
CA LYS A 296 1.35 26.22 -26.78
C LYS A 296 2.69 26.97 -26.84
N GLN A 297 2.69 28.31 -26.86
CA GLN A 297 3.92 29.11 -27.12
C GLN A 297 4.36 29.93 -25.90
N VAL A 298 3.54 30.10 -24.86
CA VAL A 298 3.83 31.03 -23.73
C VAL A 298 4.04 30.23 -22.44
N VAL A 299 3.11 29.34 -22.11
CA VAL A 299 3.03 28.61 -20.79
C VAL A 299 4.14 27.55 -20.70
N PRO A 300 4.31 26.66 -21.70
CA PRO A 300 5.32 25.61 -21.61
C PRO A 300 6.71 26.15 -21.19
N ALA A 301 7.15 27.25 -21.79
CA ALA A 301 8.50 27.84 -21.62
C ALA A 301 8.64 28.51 -20.24
N LEU A 302 7.55 29.05 -19.67
CA LEU A 302 7.51 29.63 -18.30
C LEU A 302 7.61 28.49 -17.27
N GLN A 303 6.79 27.45 -17.44
CA GLN A 303 6.76 26.25 -16.57
C GLN A 303 8.16 25.62 -16.52
N ASP A 304 8.84 25.53 -17.67
CA ASP A 304 10.21 24.98 -17.83
C ASP A 304 11.21 25.81 -17.02
N ALA A 305 11.02 27.14 -16.94
CA ALA A 305 11.94 28.10 -16.31
C ALA A 305 11.74 28.15 -14.78
N PHE A 306 10.57 27.75 -14.26
CA PHE A 306 10.25 27.74 -12.80
C PHE A 306 10.70 26.41 -12.16
N GLN A 307 10.91 25.37 -12.96
CA GLN A 307 11.54 24.07 -12.53
C GLN A 307 13.07 24.23 -12.46
N LYS A 308 13.64 25.07 -13.35
CA LYS A 308 15.10 25.17 -13.65
C LYS A 308 15.72 26.22 -12.74
N SER B 3 6.46 3.05 -32.94
CA SER B 3 5.00 2.71 -32.98
C SER B 3 4.38 3.04 -31.63
N MET B 4 3.05 3.14 -31.53
CA MET B 4 2.36 3.25 -30.22
C MET B 4 2.05 1.85 -29.70
N TYR B 5 2.02 1.70 -28.36
CA TYR B 5 1.54 0.48 -27.67
C TYR B 5 0.08 0.67 -27.19
N VAL B 6 -0.80 -0.21 -27.65
CA VAL B 6 -2.22 -0.26 -27.18
C VAL B 6 -2.29 -1.26 -26.03
N VAL B 7 -2.75 -0.85 -24.86
CA VAL B 7 -2.64 -1.78 -23.70
C VAL B 7 -3.79 -1.53 -22.73
N GLY B 8 -4.38 -2.63 -22.25
CA GLY B 8 -5.42 -2.62 -21.22
C GLY B 8 -4.82 -2.69 -19.83
N HIS B 9 -5.65 -3.03 -18.86
CA HIS B 9 -5.32 -2.97 -17.41
C HIS B 9 -4.49 -4.19 -16.99
N LYS B 10 -3.73 -4.01 -15.90
CA LYS B 10 -3.18 -5.07 -15.04
C LYS B 10 -4.26 -6.13 -14.84
N ILE B 11 -3.85 -7.40 -14.82
CA ILE B 11 -4.75 -8.59 -14.75
C ILE B 11 -5.72 -8.51 -15.91
N PRO B 12 -5.21 -8.52 -17.16
CA PRO B 12 -6.05 -8.34 -18.35
C PRO B 12 -7.24 -9.30 -18.43
N ASP B 13 -8.41 -8.78 -18.77
CA ASP B 13 -9.62 -9.61 -19.06
C ASP B 13 -9.75 -9.66 -20.59
N SER B 14 -10.79 -10.30 -21.12
CA SER B 14 -11.01 -10.40 -22.58
C SER B 14 -11.09 -9.02 -23.23
N ASP B 15 -11.80 -8.07 -22.60
CA ASP B 15 -12.01 -6.69 -23.13
C ASP B 15 -10.65 -6.03 -23.35
N SER B 16 -9.76 -6.03 -22.34
CA SER B 16 -8.41 -5.41 -22.43
C SER B 16 -7.57 -6.07 -23.55
N ILE B 17 -7.64 -7.40 -23.73
CA ILE B 17 -6.75 -8.14 -24.68
C ILE B 17 -7.35 -8.02 -26.10
N CYS B 18 -8.63 -8.35 -26.26
CA CYS B 18 -9.34 -8.28 -27.56
C CYS B 18 -9.41 -6.81 -28.04
N GLY B 19 -9.54 -5.86 -27.13
CA GLY B 19 -9.58 -4.42 -27.45
C GLY B 19 -8.23 -3.96 -28.00
N ALA B 20 -7.13 -4.38 -27.36
CA ALA B 20 -5.74 -4.06 -27.78
C ALA B 20 -5.50 -4.54 -29.22
N ILE B 21 -5.86 -5.77 -29.53
CA ILE B 21 -5.68 -6.32 -30.91
C ILE B 21 -6.56 -5.51 -31.85
N ALA B 22 -7.78 -5.20 -31.44
CA ALA B 22 -8.80 -4.60 -32.32
C ALA B 22 -8.44 -3.13 -32.60
N LEU B 23 -7.92 -2.40 -31.62
CA LEU B 23 -7.55 -0.98 -31.82
C LEU B 23 -6.21 -0.89 -32.58
N ALA B 24 -5.27 -1.80 -32.31
CA ALA B 24 -3.96 -1.82 -33.00
C ALA B 24 -4.18 -1.99 -34.51
N TYR B 25 -4.99 -2.96 -34.91
CA TYR B 25 -5.32 -3.23 -36.33
C TYR B 25 -5.81 -1.93 -36.96
N LEU B 26 -6.78 -1.27 -36.34
CA LEU B 26 -7.44 -0.03 -36.88
C LEU B 26 -6.39 1.07 -37.06
N LYS B 27 -5.60 1.34 -36.03
CA LYS B 27 -4.52 2.36 -36.06
C LYS B 27 -3.56 2.04 -37.21
N ASN B 28 -3.13 0.78 -37.39
CA ASN B 28 -2.16 0.42 -38.46
C ASN B 28 -2.82 0.68 -39.83
N GLN B 29 -4.13 0.51 -39.94
CA GLN B 29 -4.87 0.68 -41.22
C GLN B 29 -4.99 2.16 -41.56
N ILE B 30 -4.96 3.07 -40.57
CA ILE B 30 -5.12 4.54 -40.81
C ILE B 30 -3.74 5.22 -40.69
N GLY B 31 -2.66 4.43 -40.78
CA GLY B 31 -1.28 4.94 -40.89
C GLY B 31 -0.74 5.49 -39.58
N GLU B 32 -1.21 4.98 -38.43
CA GLU B 32 -0.72 5.34 -37.07
C GLU B 32 -0.15 4.08 -36.45
N PRO B 33 1.13 3.73 -36.75
CA PRO B 33 1.67 2.42 -36.37
C PRO B 33 1.47 2.10 -34.87
N ALA B 34 1.13 0.86 -34.57
CA ALA B 34 0.60 0.43 -33.26
C ALA B 34 0.85 -1.05 -33.05
N ILE B 35 1.20 -1.41 -31.81
CA ILE B 35 1.53 -2.79 -31.34
C ILE B 35 0.65 -3.08 -30.12
N ALA B 36 -0.18 -4.10 -30.23
CA ALA B 36 -1.00 -4.66 -29.13
C ALA B 36 -0.05 -5.14 -28.04
N ALA B 37 -0.39 -4.90 -26.77
CA ALA B 37 0.41 -5.34 -25.61
C ALA B 37 -0.52 -5.72 -24.46
N ARG B 38 0.02 -6.47 -23.50
CA ARG B 38 -0.68 -6.87 -22.24
C ARG B 38 0.26 -6.68 -21.06
N LEU B 39 -0.33 -6.54 -19.86
CA LEU B 39 0.40 -6.33 -18.57
C LEU B 39 0.33 -7.61 -17.73
N GLY B 40 -0.20 -8.71 -18.27
CA GLY B 40 -0.26 -9.99 -17.52
C GLY B 40 -0.67 -11.16 -18.39
N GLU B 41 -0.77 -12.34 -17.78
CA GLU B 41 -1.17 -13.57 -18.48
C GLU B 41 -2.66 -13.50 -18.84
N LEU B 42 -3.04 -14.17 -19.92
CA LEU B 42 -4.45 -14.39 -20.35
C LEU B 42 -5.10 -15.42 -19.41
N SER B 43 -6.31 -15.15 -18.95
CA SER B 43 -7.26 -16.16 -18.43
C SER B 43 -7.49 -17.25 -19.48
N PRO B 44 -7.81 -18.52 -19.08
CA PRO B 44 -8.22 -19.54 -20.06
C PRO B 44 -9.36 -19.11 -21.01
N GLU B 45 -10.31 -18.31 -20.53
CA GLU B 45 -11.40 -17.69 -21.32
C GLU B 45 -10.81 -16.93 -22.52
N THR B 46 -9.97 -15.94 -22.26
CA THR B 46 -9.35 -15.08 -23.31
C THR B 46 -8.53 -15.97 -24.26
N ALA B 47 -7.72 -16.89 -23.72
CA ALA B 47 -6.86 -17.81 -24.51
C ALA B 47 -7.73 -18.61 -25.50
N PHE B 48 -8.92 -19.04 -25.05
CA PHE B 48 -9.87 -19.81 -25.89
C PHE B 48 -10.36 -18.93 -27.07
N ILE B 49 -10.69 -17.65 -26.80
CA ILE B 49 -11.25 -16.70 -27.79
C ILE B 49 -10.20 -16.49 -28.90
N LEU B 50 -8.96 -16.21 -28.51
CA LEU B 50 -7.85 -15.97 -29.48
C LEU B 50 -7.61 -17.22 -30.33
N GLU B 51 -7.53 -18.38 -29.70
CA GLU B 51 -7.33 -19.69 -30.37
C GLU B 51 -8.43 -19.94 -31.41
N LYS B 52 -9.69 -19.74 -31.03
CA LYS B 52 -10.90 -19.97 -31.86
C LYS B 52 -10.88 -19.09 -33.12
N PHE B 53 -10.47 -17.81 -33.01
CA PHE B 53 -10.48 -16.84 -34.15
C PHE B 53 -9.08 -16.69 -34.76
N GLY B 54 -8.05 -17.32 -34.17
CA GLY B 54 -6.77 -17.58 -34.87
C GLY B 54 -5.72 -16.50 -34.64
N PHE B 55 -5.70 -15.91 -33.46
CA PHE B 55 -4.85 -14.75 -33.09
C PHE B 55 -3.79 -15.21 -32.09
N GLU B 56 -2.63 -14.55 -32.12
CA GLU B 56 -1.59 -14.66 -31.07
C GLU B 56 -1.92 -13.64 -29.98
N ALA B 57 -1.65 -14.01 -28.72
CA ALA B 57 -1.66 -13.09 -27.57
C ALA B 57 -0.87 -11.84 -27.91
N PRO B 58 -1.32 -10.65 -27.46
CA PRO B 58 -0.48 -9.45 -27.48
C PRO B 58 0.87 -9.67 -26.77
N GLU B 59 1.86 -8.86 -27.11
CA GLU B 59 3.20 -8.87 -26.49
C GLU B 59 3.06 -8.54 -24.99
N TYR B 60 3.63 -9.37 -24.12
CA TYR B 60 3.77 -9.06 -22.67
C TYR B 60 4.80 -7.93 -22.50
N LYS B 61 4.36 -6.78 -21.96
CA LYS B 61 5.23 -5.59 -21.83
C LYS B 61 4.81 -4.80 -20.59
N THR B 62 5.76 -4.56 -19.67
CA THR B 62 5.52 -3.84 -18.39
C THR B 62 6.23 -2.47 -18.37
N SER B 63 7.27 -2.24 -19.16
CA SER B 63 8.01 -0.95 -19.18
C SER B 63 7.69 -0.16 -20.47
N TYR B 64 7.18 1.09 -20.31
CA TYR B 64 6.65 1.97 -21.37
C TYR B 64 7.34 3.33 -21.37
N ALA B 65 8.26 3.59 -20.43
CA ALA B 65 9.00 4.86 -20.34
C ALA B 65 9.46 5.25 -21.76
N GLY B 66 9.19 6.49 -22.18
CA GLY B 66 9.62 7.06 -23.47
C GLY B 66 8.75 6.63 -24.65
N GLU B 67 7.68 5.87 -24.42
CA GLU B 67 6.81 5.33 -25.51
C GLU B 67 5.46 6.05 -25.51
N GLU B 68 4.77 5.96 -26.65
CA GLU B 68 3.38 6.40 -26.85
C GLU B 68 2.47 5.22 -26.50
N VAL B 69 1.42 5.50 -25.74
CA VAL B 69 0.58 4.44 -25.10
C VAL B 69 -0.88 4.81 -25.32
N TYR B 70 -1.66 3.86 -25.83
CA TYR B 70 -3.13 3.99 -25.97
C TYR B 70 -3.76 3.07 -24.93
N ILE B 71 -4.42 3.65 -23.93
CA ILE B 71 -4.98 2.91 -22.78
C ILE B 71 -6.36 2.35 -23.15
N VAL B 72 -6.64 1.11 -22.78
CA VAL B 72 -7.96 0.44 -23.01
C VAL B 72 -8.57 -0.01 -21.67
N ASP B 73 -9.87 0.29 -21.46
CA ASP B 73 -10.75 -0.39 -20.47
C ASP B 73 -10.39 0.02 -19.03
N HIS B 74 -9.77 1.18 -18.86
CA HIS B 74 -9.63 1.88 -17.54
C HIS B 74 -9.21 3.34 -17.77
N SER B 75 -9.18 4.16 -16.72
CA SER B 75 -8.53 5.50 -16.71
C SER B 75 -7.88 5.75 -15.35
N GLU B 76 -7.26 4.71 -14.78
CA GLU B 76 -6.65 4.69 -13.43
C GLU B 76 -5.12 4.58 -13.52
N ILE B 77 -4.42 5.26 -12.61
CA ILE B 77 -2.95 5.17 -12.43
C ILE B 77 -2.61 3.72 -12.02
N THR B 78 -3.31 3.15 -11.03
CA THR B 78 -2.92 1.84 -10.41
C THR B 78 -3.07 0.72 -11.45
N GLN B 79 -4.06 0.80 -12.35
CA GLN B 79 -4.29 -0.22 -13.41
C GLN B 79 -3.38 0.03 -14.62
N ALA B 80 -2.67 1.15 -14.68
CA ALA B 80 -1.75 1.54 -15.77
C ALA B 80 -0.38 0.91 -15.53
N PRO B 81 0.51 0.85 -16.55
CA PRO B 81 1.90 0.44 -16.33
C PRO B 81 2.57 1.26 -15.23
N ASP B 82 3.50 0.68 -14.50
CA ASP B 82 4.13 1.32 -13.31
C ASP B 82 4.73 2.65 -13.75
N ASP B 83 5.32 2.70 -14.94
CA ASP B 83 6.18 3.81 -15.42
C ASP B 83 5.40 4.65 -16.46
N ILE B 84 4.07 4.77 -16.30
CA ILE B 84 3.15 5.50 -17.23
C ILE B 84 3.47 7.00 -17.20
N ALA B 85 3.91 7.50 -16.05
CA ALA B 85 4.37 8.90 -15.85
C ALA B 85 5.51 9.24 -16.82
N GLN B 86 6.38 8.29 -17.16
CA GLN B 86 7.52 8.52 -18.10
C GLN B 86 7.09 8.22 -19.56
N ALA B 87 5.85 7.80 -19.80
CA ALA B 87 5.32 7.61 -21.16
C ALA B 87 4.46 8.82 -21.54
N THR B 88 3.94 8.81 -22.76
CA THR B 88 2.95 9.76 -23.27
C THR B 88 1.68 8.97 -23.57
N ILE B 89 0.58 9.22 -22.85
CA ILE B 89 -0.77 8.70 -23.19
C ILE B 89 -1.25 9.45 -24.42
N VAL B 90 -1.49 8.76 -25.53
CA VAL B 90 -1.99 9.42 -26.78
C VAL B 90 -3.50 9.16 -26.93
N GLY B 91 -4.05 8.23 -26.16
CA GLY B 91 -5.44 7.78 -26.31
C GLY B 91 -5.93 7.09 -25.06
N ILE B 92 -7.22 7.23 -24.78
CA ILE B 92 -7.93 6.34 -23.83
C ILE B 92 -9.24 5.92 -24.48
N VAL B 93 -9.52 4.62 -24.53
CA VAL B 93 -10.86 4.10 -24.91
C VAL B 93 -11.39 3.24 -23.76
N ASP B 94 -12.56 3.57 -23.23
CA ASP B 94 -13.06 2.96 -21.97
C ASP B 94 -14.58 3.15 -21.87
N HIS B 95 -15.16 2.52 -20.84
CA HIS B 95 -16.61 2.63 -20.51
C HIS B 95 -16.75 2.69 -18.99
N HIS B 96 -15.72 3.19 -18.28
CA HIS B 96 -15.76 3.39 -16.80
C HIS B 96 -15.79 4.87 -16.46
N LYS B 97 -16.02 5.11 -15.16
CA LYS B 97 -15.77 6.38 -14.45
C LYS B 97 -14.37 6.91 -14.79
N LEU B 98 -14.23 8.23 -14.78
CA LEU B 98 -12.97 8.91 -15.09
C LEU B 98 -12.09 8.87 -13.83
N GLY B 99 -10.97 8.18 -13.91
CA GLY B 99 -9.99 8.04 -12.81
C GLY B 99 -8.91 9.11 -12.86
N ASP B 100 -7.77 8.84 -12.22
CA ASP B 100 -6.78 9.87 -11.82
C ASP B 100 -5.67 9.96 -12.89
N LEU B 101 -5.83 9.28 -14.04
CA LEU B 101 -4.90 9.49 -15.16
C LEU B 101 -4.97 10.97 -15.54
N THR B 102 -3.81 11.52 -15.92
CA THR B 102 -3.64 12.88 -16.47
C THR B 102 -2.57 12.81 -17.56
N THR B 103 -2.57 13.77 -18.46
CA THR B 103 -1.53 13.94 -19.50
C THR B 103 -1.10 15.40 -19.46
N SER B 104 0.06 15.71 -20.00
CA SER B 104 0.52 17.11 -20.16
C SER B 104 0.40 17.47 -21.65
N THR B 105 -0.22 16.59 -22.44
CA THR B 105 -0.34 16.71 -23.92
C THR B 105 -1.76 16.40 -24.38
N PRO B 106 -2.24 17.07 -25.46
CA PRO B 106 -3.54 16.74 -26.06
C PRO B 106 -3.62 15.23 -26.35
N LEU B 107 -4.81 14.63 -26.33
CA LEU B 107 -4.97 13.20 -26.65
C LEU B 107 -6.37 12.93 -27.20
N GLU B 108 -6.65 11.70 -27.61
CA GLU B 108 -8.04 11.21 -27.86
C GLU B 108 -8.56 10.53 -26.59
N CYS B 109 -9.80 10.81 -26.22
CA CYS B 109 -10.62 9.95 -25.33
C CYS B 109 -11.90 9.55 -26.05
N TRP B 110 -12.07 8.24 -26.25
CA TRP B 110 -13.40 7.64 -26.58
C TRP B 110 -13.93 6.85 -25.37
N ILE B 111 -14.71 7.53 -24.55
CA ILE B 111 -15.34 6.98 -23.33
C ILE B 111 -16.84 7.11 -23.48
N ARG B 112 -17.59 6.03 -23.26
CA ARG B 112 -19.06 6.03 -23.41
C ARG B 112 -19.65 5.20 -22.27
N PRO B 113 -20.86 5.57 -21.76
CA PRO B 113 -21.50 4.82 -20.69
C PRO B 113 -22.20 3.55 -21.22
N VAL B 114 -21.39 2.58 -21.64
CA VAL B 114 -21.81 1.28 -22.23
C VAL B 114 -21.12 0.19 -21.43
N GLY B 115 -21.36 -1.07 -21.80
CA GLY B 115 -20.92 -2.24 -21.02
C GLY B 115 -19.56 -2.78 -21.44
N CYS B 116 -18.91 -2.21 -22.48
CA CYS B 116 -17.70 -2.80 -23.07
C CYS B 116 -16.92 -1.81 -23.95
N SER B 117 -15.60 -1.73 -23.72
CA SER B 117 -14.65 -0.91 -24.51
C SER B 117 -14.77 -1.29 -26.00
N ASN B 118 -15.00 -2.56 -26.28
CA ASN B 118 -15.03 -3.09 -27.67
C ASN B 118 -16.25 -2.54 -28.39
N THR B 119 -17.31 -2.18 -27.67
CA THR B 119 -18.49 -1.49 -28.26
C THR B 119 -18.07 -0.11 -28.77
N VAL B 120 -17.25 0.60 -28.00
CA VAL B 120 -16.69 1.93 -28.36
C VAL B 120 -15.74 1.76 -29.55
N ILE B 121 -14.86 0.75 -29.52
CA ILE B 121 -13.83 0.51 -30.57
C ILE B 121 -14.56 0.23 -31.88
N LYS B 122 -15.76 -0.36 -31.84
CA LYS B 122 -16.58 -0.57 -33.05
C LYS B 122 -16.98 0.80 -33.62
N MET B 123 -17.32 1.76 -32.74
CA MET B 123 -17.69 3.15 -33.15
C MET B 123 -16.49 3.79 -33.86
N MET B 124 -15.26 3.50 -33.43
CA MET B 124 -14.00 4.05 -34.00
C MET B 124 -13.82 3.56 -35.44
N TYR B 125 -14.07 2.29 -35.70
CA TYR B 125 -14.03 1.69 -37.05
C TYR B 125 -15.04 2.41 -37.96
N ASP B 126 -16.28 2.57 -37.49
CA ASP B 126 -17.37 3.27 -38.24
C ASP B 126 -16.94 4.72 -38.52
N PHE B 127 -16.37 5.42 -37.53
CA PHE B 127 -15.94 6.83 -37.69
C PHE B 127 -14.88 6.89 -38.79
N TYR B 128 -13.93 5.95 -38.80
CA TYR B 128 -12.79 5.96 -39.76
C TYR B 128 -13.22 5.36 -41.10
N GLN B 129 -14.38 4.70 -41.16
CA GLN B 129 -14.88 3.98 -42.36
C GLN B 129 -13.82 2.94 -42.79
N VAL B 130 -13.31 2.17 -41.82
CA VAL B 130 -12.46 0.98 -42.05
C VAL B 130 -13.33 -0.27 -41.85
N LYS B 131 -13.34 -1.19 -42.80
CA LYS B 131 -14.09 -2.48 -42.67
C LYS B 131 -13.44 -3.29 -41.52
N ILE B 132 -14.26 -3.90 -40.68
CA ILE B 132 -13.84 -4.84 -39.60
C ILE B 132 -13.63 -6.21 -40.24
N PRO B 133 -12.39 -6.76 -40.28
CA PRO B 133 -12.17 -8.13 -40.74
C PRO B 133 -12.88 -9.15 -39.83
N ALA B 134 -13.41 -10.22 -40.45
CA ALA B 134 -14.23 -11.29 -39.82
C ALA B 134 -13.58 -11.79 -38.52
N ASN B 135 -12.27 -11.99 -38.49
CA ASN B 135 -11.58 -12.57 -37.30
C ASN B 135 -11.64 -11.54 -36.17
N ILE B 136 -11.40 -10.26 -36.47
CA ILE B 136 -11.40 -9.14 -35.49
C ILE B 136 -12.82 -8.97 -34.94
N ALA B 137 -13.81 -9.00 -35.83
CA ALA B 137 -15.22 -8.85 -35.43
C ALA B 137 -15.54 -9.88 -34.35
N GLY B 138 -15.13 -11.14 -34.55
CA GLY B 138 -15.42 -12.28 -33.66
C GLY B 138 -14.85 -12.11 -32.26
N ILE B 139 -13.59 -11.70 -32.11
CA ILE B 139 -13.01 -11.50 -30.76
C ILE B 139 -13.65 -10.25 -30.15
N MET B 140 -14.01 -9.26 -30.97
CA MET B 140 -14.68 -8.02 -30.49
C MET B 140 -16.05 -8.44 -29.93
N MET B 141 -16.84 -9.18 -30.72
CA MET B 141 -18.10 -9.85 -30.28
C MET B 141 -17.94 -10.51 -28.89
N CYS B 142 -16.96 -11.41 -28.74
CA CYS B 142 -16.73 -12.27 -27.55
C CYS B 142 -16.39 -11.42 -26.33
N ALA B 143 -15.59 -10.35 -26.53
CA ALA B 143 -15.25 -9.35 -25.50
C ALA B 143 -16.53 -8.75 -24.93
N ILE B 144 -17.50 -8.42 -25.79
CA ILE B 144 -18.75 -7.77 -25.32
C ILE B 144 -19.61 -8.81 -24.57
N LEU B 145 -19.67 -10.04 -25.07
CA LEU B 145 -20.42 -11.18 -24.41
C LEU B 145 -19.75 -11.49 -23.06
N SER B 146 -18.44 -11.34 -22.99
CA SER B 146 -17.65 -11.53 -21.75
C SER B 146 -18.05 -10.46 -20.71
N ASP B 147 -17.96 -9.19 -21.11
CA ASP B 147 -18.19 -7.98 -20.25
C ASP B 147 -19.65 -7.89 -19.82
N THR B 148 -20.59 -8.12 -20.74
CA THR B 148 -22.05 -7.93 -20.48
C THR B 148 -22.67 -9.24 -19.99
N VAL B 149 -21.88 -10.32 -19.92
CA VAL B 149 -22.32 -11.66 -19.45
C VAL B 149 -23.48 -12.13 -20.32
N ILE B 150 -23.26 -12.19 -21.64
CA ILE B 150 -24.28 -12.58 -22.67
C ILE B 150 -25.55 -11.74 -22.43
N PHE B 151 -25.37 -10.43 -22.15
CA PHE B 151 -26.43 -9.40 -22.07
C PHE B 151 -27.17 -9.45 -20.72
N LYS B 152 -26.86 -10.41 -19.84
CA LYS B 152 -27.57 -10.59 -18.54
C LYS B 152 -27.12 -9.51 -17.54
N SER B 153 -25.85 -9.11 -17.56
CA SER B 153 -25.32 -8.07 -16.63
C SER B 153 -26.13 -6.79 -16.78
N PRO B 154 -26.45 -6.10 -15.66
CA PRO B 154 -27.12 -4.79 -15.75
C PRO B 154 -26.23 -3.67 -16.32
N THR B 155 -24.95 -3.94 -16.59
CA THR B 155 -24.03 -2.98 -17.30
C THR B 155 -24.33 -3.05 -18.80
N CYS B 156 -24.93 -4.14 -19.26
CA CYS B 156 -25.37 -4.28 -20.67
C CYS B 156 -26.25 -3.09 -21.05
N THR B 157 -25.92 -2.41 -22.15
CA THR B 157 -26.79 -1.35 -22.73
C THR B 157 -27.23 -1.79 -24.13
N THR B 158 -28.19 -1.07 -24.69
CA THR B 158 -28.71 -1.24 -26.05
C THR B 158 -27.55 -1.22 -27.03
N ALA B 159 -26.55 -0.36 -26.82
CA ALA B 159 -25.43 -0.18 -27.77
C ALA B 159 -24.58 -1.46 -27.82
N ASP B 160 -24.36 -2.12 -26.68
CA ASP B 160 -23.67 -3.44 -26.59
C ASP B 160 -24.45 -4.52 -27.40
N ILE B 161 -25.78 -4.62 -27.25
CA ILE B 161 -26.61 -5.67 -27.90
C ILE B 161 -26.56 -5.49 -29.43
N ARG B 162 -26.91 -4.30 -29.92
CA ARG B 162 -26.95 -3.96 -31.38
C ARG B 162 -25.56 -4.16 -31.96
N CYS B 163 -24.51 -3.80 -31.23
CA CYS B 163 -23.10 -3.95 -31.70
C CYS B 163 -22.73 -5.44 -31.81
N VAL B 164 -23.03 -6.29 -30.83
CA VAL B 164 -22.84 -7.78 -30.95
C VAL B 164 -23.59 -8.26 -32.20
N GLU B 165 -24.86 -7.89 -32.37
CA GLU B 165 -25.66 -8.38 -33.52
C GLU B 165 -24.93 -7.96 -34.81
N ALA B 166 -24.41 -6.74 -34.88
CA ALA B 166 -23.66 -6.18 -36.05
C ALA B 166 -22.40 -7.00 -36.31
N LEU B 167 -21.62 -7.30 -35.26
CA LEU B 167 -20.31 -8.00 -35.34
C LEU B 167 -20.52 -9.46 -35.73
N ALA B 168 -21.50 -10.14 -35.13
CA ALA B 168 -21.89 -11.53 -35.44
C ALA B 168 -22.02 -11.71 -36.97
N GLU B 169 -22.74 -10.81 -37.65
CA GLU B 169 -22.94 -10.87 -39.12
C GLU B 169 -21.59 -10.71 -39.82
N ILE B 170 -20.76 -9.74 -39.40
CA ILE B 170 -19.44 -9.47 -40.05
C ILE B 170 -18.53 -10.71 -39.91
N ALA B 171 -18.54 -11.37 -38.75
CA ALA B 171 -17.69 -12.54 -38.41
C ALA B 171 -18.29 -13.83 -38.96
N GLY B 172 -19.52 -13.77 -39.47
CA GLY B 172 -20.26 -14.95 -39.97
C GLY B 172 -20.51 -15.94 -38.87
N VAL B 173 -20.77 -15.47 -37.66
CA VAL B 173 -21.26 -16.29 -36.51
C VAL B 173 -22.79 -16.30 -36.59
N GLU B 174 -23.40 -17.48 -36.73
CA GLU B 174 -24.89 -17.63 -36.81
C GLU B 174 -25.47 -17.59 -35.39
N ASP B 175 -24.80 -18.25 -34.43
CA ASP B 175 -25.30 -18.47 -33.04
C ASP B 175 -24.32 -17.81 -32.05
N PHE B 176 -24.37 -16.49 -31.91
CA PHE B 176 -23.42 -15.72 -31.08
C PHE B 176 -23.58 -16.16 -29.63
N LYS B 177 -24.81 -16.52 -29.22
CA LYS B 177 -25.15 -16.98 -27.85
C LYS B 177 -24.47 -18.32 -27.55
N GLU B 178 -24.37 -19.23 -28.51
CA GLU B 178 -23.67 -20.52 -28.33
C GLU B 178 -22.16 -20.26 -28.11
N VAL B 179 -21.57 -19.27 -28.80
CA VAL B 179 -20.13 -18.94 -28.65
C VAL B 179 -19.94 -18.33 -27.26
N GLY B 180 -20.93 -17.57 -26.78
CA GLY B 180 -20.99 -16.99 -25.43
C GLY B 180 -21.00 -18.05 -24.35
N MET B 181 -21.88 -19.04 -24.50
CA MET B 181 -22.00 -20.17 -23.54
C MET B 181 -20.71 -20.99 -23.61
N ASP B 182 -20.13 -21.19 -24.79
CA ASP B 182 -18.82 -21.88 -24.97
C ASP B 182 -17.75 -21.19 -24.09
N MET B 183 -17.72 -19.85 -24.06
CA MET B 183 -16.77 -19.04 -23.26
C MET B 183 -16.98 -19.31 -21.75
N PHE B 184 -18.22 -19.26 -21.27
CA PHE B 184 -18.59 -19.40 -19.83
C PHE B 184 -18.45 -20.87 -19.42
N LYS B 185 -18.63 -21.83 -20.32
CA LYS B 185 -18.19 -23.24 -20.09
C LYS B 185 -16.69 -23.28 -19.81
N VAL B 186 -15.86 -22.66 -20.65
CA VAL B 186 -14.38 -22.64 -20.41
C VAL B 186 -14.09 -21.98 -19.05
N LYS B 187 -14.85 -20.96 -18.65
CA LYS B 187 -14.65 -20.24 -17.36
C LYS B 187 -15.07 -21.14 -16.19
N SER B 188 -15.98 -22.09 -16.46
CA SER B 188 -16.61 -23.01 -15.47
C SER B 188 -15.69 -24.19 -15.17
N ALA B 189 -14.69 -24.45 -16.01
CA ALA B 189 -13.68 -25.54 -15.84
C ALA B 189 -12.65 -25.15 -14.78
N VAL B 190 -13.02 -25.20 -13.49
CA VAL B 190 -12.19 -24.71 -12.34
C VAL B 190 -11.54 -25.88 -11.60
N GLU B 191 -11.91 -27.14 -11.90
CA GLU B 191 -11.31 -28.31 -11.19
C GLU B 191 -9.84 -28.42 -11.61
N GLY B 192 -8.95 -28.68 -10.65
CA GLY B 192 -7.51 -28.90 -10.87
C GLY B 192 -6.72 -27.60 -10.90
N THR B 193 -7.36 -26.45 -10.70
CA THR B 193 -6.70 -25.11 -10.67
C THR B 193 -6.45 -24.73 -9.21
N PRO B 194 -5.17 -24.49 -8.79
CA PRO B 194 -4.87 -24.03 -7.45
C PRO B 194 -5.77 -22.85 -7.04
N ALA B 195 -6.22 -22.85 -5.79
CA ALA B 195 -7.15 -21.86 -5.20
C ALA B 195 -6.68 -20.43 -5.48
N ARG B 196 -5.36 -20.17 -5.40
CA ARG B 196 -4.78 -18.80 -5.52
C ARG B 196 -4.97 -18.31 -6.96
N ASP B 197 -4.74 -19.18 -7.93
CA ASP B 197 -4.94 -18.85 -9.38
C ASP B 197 -6.40 -18.40 -9.57
N LEU B 198 -7.34 -19.05 -8.89
CA LEU B 198 -8.81 -18.74 -9.01
C LEU B 198 -9.13 -17.41 -8.29
N VAL B 199 -8.55 -17.19 -7.11
CA VAL B 199 -8.78 -15.95 -6.31
C VAL B 199 -8.30 -14.74 -7.09
N MET B 200 -7.16 -14.86 -7.80
CA MET B 200 -6.44 -13.74 -8.49
C MET B 200 -6.88 -13.59 -9.95
N ARG B 201 -7.66 -14.55 -10.50
CA ARG B 201 -8.04 -14.57 -11.95
C ARG B 201 -8.60 -13.20 -12.35
N ASP B 202 -9.57 -12.68 -11.58
CA ASP B 202 -10.08 -11.29 -11.70
C ASP B 202 -10.19 -10.67 -10.30
N PHE B 203 -9.05 -10.25 -9.72
CA PHE B 203 -8.95 -9.70 -8.34
C PHE B 203 -8.49 -8.24 -8.41
N LYS B 204 -9.14 -7.38 -7.61
CA LYS B 204 -8.87 -5.92 -7.52
C LYS B 204 -8.84 -5.51 -6.05
N ASP B 205 -7.94 -4.57 -5.71
CA ASP B 205 -7.84 -3.94 -4.37
C ASP B 205 -8.57 -2.59 -4.41
N PHE B 206 -9.31 -2.29 -3.35
CA PHE B 206 -10.07 -1.03 -3.16
C PHE B 206 -9.64 -0.42 -1.82
N ASN B 207 -9.43 0.91 -1.81
CA ASN B 207 -9.19 1.70 -0.57
C ASN B 207 -10.47 2.46 -0.23
N MET B 208 -11.30 1.87 0.64
CA MET B 208 -12.64 2.37 1.03
C MET B 208 -12.54 3.07 2.39
N ASN B 209 -12.29 4.38 2.36
CA ASN B 209 -12.20 5.28 3.53
C ASN B 209 -11.14 4.73 4.50
N GLY B 210 -9.92 4.51 3.99
CA GLY B 210 -8.72 4.10 4.76
C GLY B 210 -8.58 2.58 4.91
N ASN B 211 -9.59 1.81 4.53
CA ASN B 211 -9.67 0.33 4.73
C ASN B 211 -9.40 -0.39 3.41
N LEU B 212 -8.45 -1.34 3.42
CA LEU B 212 -8.01 -2.08 2.21
C LEU B 212 -8.89 -3.33 2.02
N VAL B 213 -9.71 -3.32 0.97
CA VAL B 213 -10.72 -4.37 0.65
C VAL B 213 -10.38 -4.98 -0.72
N GLY B 214 -10.02 -6.26 -0.74
CA GLY B 214 -9.76 -7.04 -1.96
C GLY B 214 -10.96 -7.87 -2.37
N ILE B 215 -11.31 -7.87 -3.66
CA ILE B 215 -12.52 -8.57 -4.21
C ILE B 215 -12.12 -9.35 -5.47
N GLY B 216 -12.22 -10.69 -5.40
CA GLY B 216 -12.11 -11.60 -6.55
C GLY B 216 -13.50 -11.89 -7.13
N GLN B 217 -13.59 -12.37 -8.37
CA GLN B 217 -14.87 -12.84 -8.97
C GLN B 217 -14.57 -13.96 -9.98
N LEU B 218 -15.32 -15.06 -9.90
CA LEU B 218 -15.39 -16.11 -10.95
C LEU B 218 -16.84 -16.20 -11.44
N GLU B 219 -17.03 -16.21 -12.76
CA GLU B 219 -18.35 -16.32 -13.42
C GLU B 219 -18.42 -17.71 -14.07
N VAL B 220 -19.39 -18.54 -13.66
CA VAL B 220 -19.50 -19.95 -14.13
C VAL B 220 -20.96 -20.19 -14.51
N ILE B 221 -21.21 -21.29 -15.23
CA ILE B 221 -22.58 -21.69 -15.67
C ILE B 221 -23.30 -22.36 -14.50
N ASP B 222 -22.58 -23.04 -13.61
CA ASP B 222 -23.20 -23.77 -12.48
C ASP B 222 -22.33 -23.62 -11.22
N LEU B 223 -22.93 -23.13 -10.15
CA LEU B 223 -22.32 -22.84 -8.83
C LEU B 223 -21.81 -24.14 -8.18
N ALA B 224 -22.36 -25.29 -8.55
CA ALA B 224 -22.03 -26.63 -8.00
C ALA B 224 -20.57 -27.04 -8.29
N VAL B 225 -19.93 -26.43 -9.29
CA VAL B 225 -18.52 -26.75 -9.70
C VAL B 225 -17.57 -26.44 -8.54
N PHE B 226 -17.96 -25.53 -7.64
CA PHE B 226 -17.09 -25.02 -6.53
C PHE B 226 -17.25 -25.89 -5.27
N ASP B 227 -18.21 -26.83 -5.23
CA ASP B 227 -18.60 -27.60 -4.02
C ASP B 227 -17.37 -28.21 -3.33
N ASP B 228 -16.51 -28.90 -4.08
CA ASP B 228 -15.40 -29.72 -3.53
C ASP B 228 -14.16 -28.86 -3.26
N ILE B 229 -14.05 -27.68 -3.87
CA ILE B 229 -12.85 -26.80 -3.75
C ILE B 229 -13.15 -25.59 -2.85
N LYS B 230 -14.42 -25.41 -2.42
CA LYS B 230 -14.93 -24.20 -1.72
C LYS B 230 -14.15 -23.94 -0.42
N ALA B 231 -13.79 -25.00 0.30
CA ALA B 231 -13.06 -24.93 1.59
C ALA B 231 -11.64 -24.41 1.34
N ASP B 232 -10.98 -24.88 0.28
CA ASP B 232 -9.63 -24.42 -0.15
C ASP B 232 -9.68 -22.94 -0.51
N LEU B 233 -10.77 -22.48 -1.15
CA LEU B 233 -10.99 -21.04 -1.49
C LEU B 233 -11.08 -20.22 -0.20
N GLU B 234 -11.91 -20.65 0.75
CA GLU B 234 -12.15 -19.92 2.03
C GLU B 234 -10.84 -19.80 2.82
N ALA B 235 -9.99 -20.84 2.75
CA ALA B 235 -8.68 -20.90 3.43
C ALA B 235 -7.70 -19.94 2.75
N ASP B 236 -7.80 -19.82 1.42
CA ASP B 236 -6.82 -19.03 0.63
C ASP B 236 -7.15 -17.54 0.71
N ILE B 237 -8.42 -17.17 0.86
CA ILE B 237 -8.83 -15.73 1.00
C ILE B 237 -8.48 -15.25 2.42
N ALA B 238 -8.44 -16.15 3.41
CA ALA B 238 -7.93 -15.88 4.77
C ALA B 238 -6.42 -15.60 4.69
N LYS B 239 -5.65 -16.50 4.05
CA LYS B 239 -4.18 -16.33 3.80
C LYS B 239 -3.92 -14.95 3.16
N LEU B 240 -4.62 -14.65 2.07
CA LEU B 240 -4.39 -13.45 1.22
C LEU B 240 -4.68 -12.18 2.03
N LYS B 241 -5.72 -12.21 2.87
CA LYS B 241 -6.10 -11.12 3.80
C LYS B 241 -4.91 -10.75 4.70
N VAL B 242 -4.19 -11.77 5.16
CA VAL B 242 -2.97 -11.64 6.02
C VAL B 242 -1.82 -11.12 5.15
N GLU B 243 -1.61 -11.72 3.98
CA GLU B 243 -0.42 -11.46 3.12
C GLU B 243 -0.36 -9.98 2.73
N GLY B 244 -1.51 -9.30 2.65
CA GLY B 244 -1.60 -7.88 2.26
C GLY B 244 -1.96 -6.96 3.43
N ASN B 245 -2.14 -7.52 4.63
CA ASN B 245 -2.83 -6.95 5.82
C ASN B 245 -4.03 -6.11 5.37
N ARG B 246 -4.99 -6.83 4.79
CA ARG B 246 -6.31 -6.33 4.31
C ARG B 246 -7.36 -6.40 5.43
N HIS B 247 -8.19 -5.37 5.52
CA HIS B 247 -9.42 -5.33 6.37
C HIS B 247 -10.37 -6.48 6.00
N SER B 248 -10.57 -6.71 4.69
CA SER B 248 -11.60 -7.63 4.11
C SER B 248 -11.11 -8.24 2.79
N VAL B 249 -11.29 -9.56 2.62
CA VAL B 249 -11.16 -10.25 1.31
C VAL B 249 -12.47 -10.98 1.01
N LEU B 250 -13.09 -10.66 -0.13
CA LEU B 250 -14.38 -11.24 -0.58
C LEU B 250 -14.16 -11.92 -1.94
N LEU B 251 -14.74 -13.11 -2.13
CA LEU B 251 -14.74 -13.85 -3.42
C LEU B 251 -16.18 -14.03 -3.89
N LEU B 252 -16.51 -13.48 -5.06
CA LEU B 252 -17.82 -13.63 -5.73
C LEU B 252 -17.79 -14.92 -6.54
N LEU B 253 -18.61 -15.92 -6.19
CA LEU B 253 -18.90 -17.10 -7.04
C LEU B 253 -20.21 -16.82 -7.76
N THR B 254 -20.12 -16.40 -9.03
CA THR B 254 -21.25 -15.83 -9.84
C THR B 254 -21.80 -16.92 -10.78
N ASP B 255 -23.04 -17.34 -10.56
CA ASP B 255 -23.79 -18.31 -11.40
C ASP B 255 -24.58 -17.51 -12.44
N ILE B 256 -24.20 -17.59 -13.72
CA ILE B 256 -24.77 -16.73 -14.79
C ILE B 256 -26.15 -17.28 -15.21
N MET B 257 -26.50 -18.49 -14.80
CA MET B 257 -27.84 -19.11 -15.08
C MET B 257 -28.84 -18.72 -13.98
N LYS B 258 -28.48 -18.87 -12.71
CA LYS B 258 -29.30 -18.39 -11.55
C LYS B 258 -29.32 -16.86 -11.53
N GLU B 259 -28.34 -16.23 -12.18
CA GLU B 259 -28.16 -14.76 -12.24
C GLU B 259 -27.96 -14.22 -10.81
N GLY B 260 -27.03 -14.80 -10.06
CA GLY B 260 -26.72 -14.43 -8.67
C GLY B 260 -25.28 -14.76 -8.32
N SER B 261 -24.82 -14.33 -7.15
CA SER B 261 -23.43 -14.54 -6.66
C SER B 261 -23.46 -15.04 -5.22
N GLU B 262 -22.79 -16.17 -4.93
CA GLU B 262 -22.42 -16.55 -3.54
C GLU B 262 -21.13 -15.82 -3.20
N MET B 263 -21.14 -15.01 -2.12
CA MET B 263 -19.97 -14.21 -1.68
C MET B 263 -19.32 -14.90 -0.46
N LEU B 264 -18.07 -15.35 -0.60
CA LEU B 264 -17.23 -15.82 0.53
C LEU B 264 -16.59 -14.59 1.18
N VAL B 265 -16.68 -14.47 2.51
CA VAL B 265 -16.27 -13.26 3.27
C VAL B 265 -15.29 -13.65 4.36
N VAL B 266 -14.13 -12.98 4.40
CA VAL B 266 -13.24 -12.85 5.58
C VAL B 266 -13.03 -11.34 5.79
N SER B 267 -13.45 -10.84 6.95
CA SER B 267 -13.50 -9.38 7.29
C SER B 267 -13.15 -9.18 8.76
N ASP B 268 -12.52 -8.04 9.07
CA ASP B 268 -12.33 -7.53 10.45
C ASP B 268 -13.69 -7.06 11.00
N SER B 269 -14.65 -6.77 10.12
CA SER B 269 -16.03 -6.34 10.47
C SER B 269 -16.97 -7.56 10.36
N ALA B 270 -17.50 -7.99 11.50
CA ALA B 270 -18.35 -9.20 11.68
C ALA B 270 -19.69 -9.03 10.94
N ASP B 271 -20.20 -7.80 10.82
CA ASP B 271 -21.54 -7.50 10.25
C ASP B 271 -21.40 -6.77 8.89
N LEU B 272 -20.35 -7.07 8.11
CA LEU B 272 -19.98 -6.31 6.88
C LEU B 272 -21.13 -6.40 5.86
N THR B 273 -21.58 -7.61 5.54
CA THR B 273 -22.57 -7.86 4.46
C THR B 273 -23.97 -7.47 4.93
N GLU B 274 -24.19 -7.42 6.25
CA GLU B 274 -25.47 -6.98 6.87
C GLU B 274 -25.62 -5.46 6.69
N ARG B 275 -24.53 -4.71 6.85
CA ARG B 275 -24.49 -3.22 6.78
C ARG B 275 -24.60 -2.78 5.31
N ALA B 276 -23.85 -3.41 4.40
CA ALA B 276 -23.70 -2.98 2.99
C ALA B 276 -24.89 -3.43 2.15
N TYR B 277 -25.42 -4.64 2.36
CA TYR B 277 -26.43 -5.30 1.48
C TYR B 277 -27.75 -5.58 2.22
N GLY B 278 -27.79 -5.44 3.55
CA GLY B 278 -28.96 -5.81 4.38
C GLY B 278 -29.18 -7.32 4.39
N LYS B 279 -28.13 -8.11 4.14
CA LYS B 279 -28.18 -9.60 4.14
C LYS B 279 -26.92 -10.11 4.84
N PRO B 280 -27.07 -10.76 6.02
CA PRO B 280 -25.90 -11.14 6.82
C PRO B 280 -25.18 -12.36 6.22
N THR B 281 -23.89 -12.50 6.51
CA THR B 281 -23.06 -13.70 6.19
C THR B 281 -23.34 -14.78 7.24
N VAL B 282 -23.39 -16.04 6.79
CA VAL B 282 -23.62 -17.24 7.65
C VAL B 282 -22.45 -18.20 7.40
N ASP B 283 -21.53 -18.26 8.37
CA ASP B 283 -20.29 -19.08 8.33
C ASP B 283 -19.42 -18.58 7.17
N GLY B 284 -19.29 -17.25 7.06
CA GLY B 284 -18.46 -16.54 6.05
C GLY B 284 -18.97 -16.75 4.65
N ARG B 285 -20.30 -16.75 4.46
CA ARG B 285 -20.99 -17.00 3.16
C ARG B 285 -22.34 -16.27 3.15
N VAL B 286 -22.72 -15.69 2.02
CA VAL B 286 -24.07 -15.07 1.80
C VAL B 286 -24.44 -15.18 0.32
N TRP B 287 -25.68 -15.61 0.03
CA TRP B 287 -26.23 -15.64 -1.35
C TRP B 287 -26.84 -14.26 -1.67
N LEU B 288 -26.42 -13.65 -2.78
CA LEU B 288 -26.88 -12.30 -3.22
C LEU B 288 -27.64 -12.45 -4.54
N ASP B 289 -28.96 -12.58 -4.46
CA ASP B 289 -29.85 -12.80 -5.63
C ASP B 289 -29.67 -11.63 -6.61
N GLY B 290 -29.62 -11.92 -7.92
CA GLY B 290 -29.59 -10.90 -8.98
C GLY B 290 -28.22 -10.26 -9.20
N VAL B 291 -27.21 -10.59 -8.37
CA VAL B 291 -25.89 -9.88 -8.39
C VAL B 291 -24.96 -10.55 -9.41
N LEU B 292 -24.56 -9.77 -10.43
CA LEU B 292 -23.71 -10.22 -11.55
C LEU B 292 -22.46 -9.35 -11.68
N SER B 293 -22.61 -8.04 -11.48
CA SER B 293 -21.56 -7.00 -11.74
C SER B 293 -20.91 -6.53 -10.44
N ARG B 294 -19.60 -6.63 -10.36
CA ARG B 294 -18.80 -6.09 -9.22
C ARG B 294 -18.92 -4.56 -9.18
N LYS B 295 -18.73 -3.87 -10.32
CA LYS B 295 -18.58 -2.38 -10.31
C LYS B 295 -19.94 -1.70 -10.09
N LYS B 296 -21.06 -2.41 -10.30
CA LYS B 296 -22.43 -1.83 -10.24
C LYS B 296 -23.22 -2.33 -9.02
N GLN B 297 -23.08 -3.60 -8.62
CA GLN B 297 -23.96 -4.22 -7.58
C GLN B 297 -23.21 -4.57 -6.29
N VAL B 298 -21.87 -4.56 -6.25
CA VAL B 298 -21.07 -5.06 -5.09
C VAL B 298 -20.32 -3.90 -4.43
N VAL B 299 -19.60 -3.10 -5.24
CA VAL B 299 -18.63 -2.06 -4.76
C VAL B 299 -19.37 -0.85 -4.20
N PRO B 300 -20.35 -0.25 -4.92
CA PRO B 300 -21.04 0.93 -4.42
C PRO B 300 -21.52 0.79 -2.97
N ALA B 301 -22.14 -0.36 -2.64
CA ALA B 301 -22.79 -0.64 -1.34
C ALA B 301 -21.75 -0.85 -0.23
N LEU B 302 -20.56 -1.39 -0.56
CA LEU B 302 -19.42 -1.55 0.39
C LEU B 302 -18.84 -0.18 0.71
N GLN B 303 -18.56 0.62 -0.33
CA GLN B 303 -18.02 1.99 -0.22
C GLN B 303 -18.92 2.84 0.68
N ASP B 304 -20.25 2.72 0.49
CA ASP B 304 -21.30 3.44 1.25
C ASP B 304 -21.24 3.06 2.74
N ALA B 305 -20.92 1.79 3.05
CA ALA B 305 -20.91 1.23 4.42
C ALA B 305 -19.62 1.59 5.18
N PHE B 306 -18.52 1.89 4.47
CA PHE B 306 -17.21 2.25 5.08
C PHE B 306 -17.13 3.76 5.36
N GLN B 307 -17.98 4.57 4.69
CA GLN B 307 -17.99 6.06 4.78
C GLN B 307 -18.75 6.51 6.04
N LYS B 308 -19.77 5.76 6.45
CA LYS B 308 -20.74 6.09 7.54
C LYS B 308 -20.02 6.26 8.89
N SER C 3 26.14 -29.76 23.99
CA SER C 3 26.27 -28.33 24.38
C SER C 3 25.44 -27.47 23.42
N MET C 4 25.13 -26.23 23.79
CA MET C 4 24.48 -25.27 22.85
C MET C 4 25.57 -24.51 22.09
N TYR C 5 25.27 -24.11 20.84
CA TYR C 5 26.11 -23.22 20.01
C TYR C 5 25.59 -21.79 20.06
N VAL C 6 26.44 -20.87 20.49
CA VAL C 6 26.15 -19.41 20.49
C VAL C 6 26.71 -18.84 19.20
N VAL C 7 25.88 -18.21 18.37
CA VAL C 7 26.38 -17.81 17.03
C VAL C 7 25.69 -16.52 16.58
N GLY C 8 26.49 -15.60 16.03
CA GLY C 8 25.99 -14.38 15.41
C GLY C 8 25.69 -14.56 13.94
N HIS C 9 25.58 -13.47 13.20
CA HIS C 9 25.08 -13.43 11.80
C HIS C 9 26.18 -13.84 10.82
N LYS C 10 25.75 -14.32 9.66
CA LYS C 10 26.55 -14.41 8.42
C LYS C 10 27.34 -13.11 8.26
N ILE C 11 28.58 -13.21 7.77
CA ILE C 11 29.53 -12.07 7.61
C ILE C 11 29.74 -11.46 9.01
N PRO C 12 30.22 -12.25 9.98
CA PRO C 12 30.32 -11.79 11.37
C PRO C 12 31.10 -10.48 11.56
N ASP C 13 30.57 -9.59 12.36
CA ASP C 13 31.29 -8.35 12.81
C ASP C 13 31.81 -8.61 14.23
N SER C 14 32.43 -7.63 14.87
CA SER C 14 32.99 -7.78 16.24
C SER C 14 31.88 -8.16 17.24
N ASP C 15 30.70 -7.54 17.13
CA ASP C 15 29.56 -7.77 18.04
C ASP C 15 29.18 -9.25 18.01
N SER C 16 28.98 -9.83 16.81
CA SER C 16 28.60 -11.26 16.63
C SER C 16 29.66 -12.19 17.23
N ILE C 17 30.96 -11.90 17.04
CA ILE C 17 32.08 -12.80 17.45
C ILE C 17 32.33 -12.63 18.94
N CYS C 18 32.53 -11.39 19.40
CA CYS C 18 32.83 -11.08 20.82
C CYS C 18 31.60 -11.44 21.69
N GLY C 19 30.39 -11.29 21.16
CA GLY C 19 29.14 -11.67 21.84
C GLY C 19 29.09 -13.16 22.09
N ALA C 20 29.41 -13.95 21.04
CA ALA C 20 29.45 -15.44 21.08
C ALA C 20 30.39 -15.90 22.20
N ILE C 21 31.60 -15.37 22.25
CA ILE C 21 32.60 -15.78 23.29
C ILE C 21 32.04 -15.38 24.65
N ALA C 22 31.45 -14.18 24.74
CA ALA C 22 31.05 -13.58 26.03
C ALA C 22 29.81 -14.30 26.57
N LEU C 23 28.86 -14.69 25.72
CA LEU C 23 27.66 -15.42 26.20
C LEU C 23 28.00 -16.88 26.48
N ALA C 24 28.88 -17.50 25.70
CA ALA C 24 29.29 -18.92 25.91
C ALA C 24 29.91 -19.07 27.31
N TYR C 25 30.85 -18.18 27.65
CA TYR C 25 31.52 -18.19 28.98
C TYR C 25 30.44 -18.17 30.06
N LEU C 26 29.50 -17.21 29.98
CA LEU C 26 28.42 -17.00 30.99
C LEU C 26 27.60 -18.28 31.15
N LYS C 27 27.10 -18.84 30.04
CA LYS C 27 26.30 -20.09 30.03
C LYS C 27 27.10 -21.21 30.71
N ASN C 28 28.40 -21.38 30.40
CA ASN C 28 29.22 -22.47 30.99
C ASN C 28 29.33 -22.25 32.50
N GLN C 29 29.33 -21.00 32.95
CA GLN C 29 29.51 -20.66 34.39
C GLN C 29 28.20 -20.94 35.14
N ILE C 30 27.04 -20.91 34.47
CA ILE C 30 25.72 -21.14 35.13
C ILE C 30 25.22 -22.55 34.80
N GLY C 31 26.13 -23.43 34.35
CA GLY C 31 25.87 -24.87 34.19
C GLY C 31 25.02 -25.20 32.97
N GLU C 32 25.04 -24.35 31.93
CA GLU C 32 24.31 -24.57 30.64
C GLU C 32 25.35 -24.67 29.53
N PRO C 33 25.95 -25.87 29.32
CA PRO C 33 27.13 -25.98 28.46
C PRO C 33 26.92 -25.36 27.06
N ALA C 34 27.95 -24.66 26.56
CA ALA C 34 27.85 -23.75 25.40
C ALA C 34 29.22 -23.61 24.74
N ILE C 35 29.19 -23.53 23.40
CA ILE C 35 30.35 -23.42 22.48
C ILE C 35 30.10 -22.23 21.56
N ALA C 36 31.02 -21.25 21.60
CA ALA C 36 31.04 -20.09 20.70
C ALA C 36 31.25 -20.61 19.28
N ALA C 37 30.61 -20.00 18.30
CA ALA C 37 30.75 -20.37 16.87
C ALA C 37 30.63 -19.12 15.99
N ARG C 38 31.08 -19.23 14.74
CA ARG C 38 30.94 -18.18 13.71
C ARG C 38 30.49 -18.80 12.39
N LEU C 39 29.91 -17.98 11.53
CA LEU C 39 29.36 -18.38 10.19
C LEU C 39 30.26 -17.84 9.08
N GLY C 40 31.41 -17.24 9.42
CA GLY C 40 32.36 -16.73 8.41
C GLY C 40 33.69 -16.35 9.03
N GLU C 41 34.61 -15.85 8.22
CA GLU C 41 35.94 -15.37 8.66
C GLU C 41 35.76 -14.08 9.47
N LEU C 42 36.69 -13.85 10.40
CA LEU C 42 36.86 -12.58 11.13
C LEU C 42 37.41 -11.50 10.20
N SER C 43 36.83 -10.30 10.26
CA SER C 43 37.44 -9.05 9.76
C SER C 43 38.78 -8.83 10.45
N PRO C 44 39.78 -8.13 9.83
CA PRO C 44 41.01 -7.78 10.55
C PRO C 44 40.80 -7.06 11.89
N GLU C 45 39.77 -6.21 11.98
CA GLU C 45 39.32 -5.51 13.22
C GLU C 45 39.09 -6.53 14.34
N THR C 46 38.17 -7.49 14.13
CA THR C 46 37.82 -8.52 15.14
C THR C 46 39.08 -9.34 15.49
N ALA C 47 39.86 -9.77 14.48
CA ALA C 47 41.09 -10.58 14.67
C ALA C 47 42.06 -9.82 15.61
N PHE C 48 42.16 -8.49 15.45
CA PHE C 48 43.03 -7.63 16.30
C PHE C 48 42.53 -7.65 17.75
N ILE C 49 41.21 -7.56 17.97
CA ILE C 49 40.56 -7.50 19.32
C ILE C 49 40.87 -8.80 20.06
N LEU C 50 40.66 -9.94 19.40
CA LEU C 50 40.92 -11.28 20.00
C LEU C 50 42.40 -11.43 20.35
N GLU C 51 43.29 -11.06 19.42
CA GLU C 51 44.76 -11.11 19.61
C GLU C 51 45.17 -10.29 20.84
N LYS C 52 44.67 -9.05 20.94
CA LYS C 52 45.01 -8.06 22.00
C LYS C 52 44.62 -8.59 23.38
N PHE C 53 43.44 -9.24 23.51
CA PHE C 53 42.91 -9.74 24.81
C PHE C 53 43.15 -11.24 24.97
N GLY C 54 43.71 -11.92 23.97
CA GLY C 54 44.35 -13.25 24.15
C GLY C 54 43.39 -14.41 23.94
N PHE C 55 42.46 -14.29 23.00
CA PHE C 55 41.37 -15.26 22.75
C PHE C 55 41.60 -15.93 21.39
N GLU C 56 41.08 -17.15 21.26
CA GLU C 56 40.97 -17.87 19.96
C GLU C 56 39.64 -17.49 19.31
N ALA C 57 39.63 -17.35 18.00
CA ALA C 57 38.40 -17.26 17.17
C ALA C 57 37.41 -18.36 17.59
N PRO C 58 36.10 -18.07 17.65
CA PRO C 58 35.08 -19.11 17.74
C PRO C 58 35.21 -20.16 16.61
N GLU C 59 34.69 -21.37 16.85
CA GLU C 59 34.69 -22.46 15.86
C GLU C 59 33.87 -22.04 14.63
N TYR C 60 34.43 -22.18 13.44
CA TYR C 60 33.69 -22.03 12.16
C TYR C 60 32.71 -23.20 12.00
N LYS C 61 31.42 -22.90 11.95
CA LYS C 61 30.35 -23.93 11.87
C LYS C 61 29.18 -23.38 11.07
N THR C 62 28.76 -24.09 10.01
CA THR C 62 27.65 -23.68 9.11
C THR C 62 26.43 -24.62 9.25
N SER C 63 26.62 -25.86 9.70
CA SER C 63 25.50 -26.83 9.86
C SER C 63 25.14 -27.03 11.32
N TYR C 64 23.86 -26.78 11.68
CA TYR C 64 23.32 -26.73 13.06
C TYR C 64 22.14 -27.69 13.24
N ALA C 65 21.68 -28.36 12.17
CA ALA C 65 20.59 -29.35 12.22
C ALA C 65 20.78 -30.22 13.47
N GLY C 66 19.71 -30.35 14.28
CA GLY C 66 19.68 -31.20 15.49
C GLY C 66 20.39 -30.60 16.70
N GLU C 67 20.88 -29.36 16.62
CA GLU C 67 21.62 -28.69 17.72
C GLU C 67 20.76 -27.59 18.34
N GLU C 68 21.12 -27.23 19.57
CA GLU C 68 20.59 -26.07 20.32
C GLU C 68 21.44 -24.85 19.95
N VAL C 69 20.79 -23.73 19.65
CA VAL C 69 21.45 -22.54 19.04
C VAL C 69 20.98 -21.31 19.82
N TYR C 70 21.94 -20.49 20.27
CA TYR C 70 21.68 -19.17 20.85
C TYR C 70 22.12 -18.12 19.84
N ILE C 71 21.16 -17.39 19.30
CA ILE C 71 21.39 -16.40 18.20
C ILE C 71 21.85 -15.07 18.83
N VAL C 72 22.86 -14.44 18.23
CA VAL C 72 23.40 -13.11 18.66
C VAL C 72 23.29 -12.11 17.51
N ASP C 73 22.77 -10.89 17.81
CA ASP C 73 22.96 -9.67 16.99
C ASP C 73 22.15 -9.74 15.69
N HIS C 74 21.09 -10.54 15.66
CA HIS C 74 20.04 -10.47 14.61
C HIS C 74 18.79 -11.23 15.08
N SER C 75 17.69 -11.13 14.33
CA SER C 75 16.51 -12.02 14.49
C SER C 75 15.93 -12.32 13.09
N GLU C 76 16.80 -12.52 12.11
CA GLU C 76 16.45 -12.73 10.68
C GLU C 76 16.77 -14.16 10.24
N ILE C 77 15.90 -14.74 9.39
CA ILE C 77 16.12 -16.05 8.73
C ILE C 77 17.39 -15.95 7.88
N THR C 78 17.53 -14.92 7.03
CA THR C 78 18.60 -14.88 5.99
C THR C 78 19.97 -14.77 6.67
N GLN C 79 20.06 -14.09 7.81
CA GLN C 79 21.34 -13.94 8.58
C GLN C 79 21.60 -15.17 9.47
N ALA C 80 20.63 -16.08 9.61
CA ALA C 80 20.74 -17.33 10.41
C ALA C 80 21.45 -18.41 9.59
N PRO C 81 21.96 -19.49 10.24
CA PRO C 81 22.45 -20.67 9.52
C PRO C 81 21.41 -21.22 8.54
N ASP C 82 21.85 -21.79 7.42
CA ASP C 82 20.93 -22.23 6.33
C ASP C 82 19.92 -23.21 6.90
N ASP C 83 20.34 -24.09 7.81
CA ASP C 83 19.56 -25.25 8.31
C ASP C 83 19.02 -24.95 9.72
N ILE C 84 18.67 -23.69 10.00
CA ILE C 84 18.18 -23.22 11.33
C ILE C 84 16.82 -23.84 11.64
N ALA C 85 16.01 -24.09 10.61
CA ALA C 85 14.70 -24.76 10.71
C ALA C 85 14.84 -26.15 11.33
N GLN C 86 15.97 -26.84 11.11
CA GLN C 86 16.22 -28.20 11.67
C GLN C 86 16.93 -28.11 13.03
N ALA C 87 17.25 -26.91 13.51
CA ALA C 87 17.84 -26.70 14.86
C ALA C 87 16.72 -26.26 15.81
N THR C 88 17.07 -26.08 17.08
CA THR C 88 16.21 -25.48 18.11
C THR C 88 16.87 -24.18 18.57
N ILE C 89 16.24 -23.02 18.29
CA ILE C 89 16.67 -21.72 18.86
C ILE C 89 16.28 -21.73 20.35
N VAL C 90 17.23 -21.67 21.26
CA VAL C 90 16.96 -21.64 22.73
C VAL C 90 17.05 -20.21 23.25
N GLY C 91 17.62 -19.30 22.46
CA GLY C 91 17.94 -17.93 22.92
C GLY C 91 18.10 -17.00 21.75
N ILE C 92 17.70 -15.76 21.92
CA ILE C 92 18.13 -14.64 21.04
C ILE C 92 18.56 -13.47 21.92
N VAL C 93 19.76 -12.95 21.70
CA VAL C 93 20.20 -11.67 22.30
C VAL C 93 20.54 -10.70 21.16
N ASP C 94 19.89 -9.55 21.12
CA ASP C 94 20.02 -8.61 19.98
C ASP C 94 19.64 -7.19 20.40
N HIS C 95 19.82 -6.25 19.48
CA HIS C 95 19.43 -4.82 19.64
C HIS C 95 18.85 -4.32 18.32
N HIS C 96 18.28 -5.21 17.51
CA HIS C 96 17.60 -4.82 16.25
C HIS C 96 16.09 -4.99 16.36
N LYS C 97 15.39 -4.48 15.33
CA LYS C 97 13.99 -4.79 14.99
C LYS C 97 13.78 -6.31 15.00
N LEU C 98 12.56 -6.73 15.30
CA LEU C 98 12.17 -8.16 15.36
C LEU C 98 11.92 -8.65 13.93
N GLY C 99 12.76 -9.58 13.47
CA GLY C 99 12.66 -10.16 12.12
C GLY C 99 11.83 -11.43 12.09
N ASP C 100 12.04 -12.26 11.07
CA ASP C 100 11.07 -13.31 10.66
C ASP C 100 11.48 -14.65 11.28
N LEU C 101 12.50 -14.68 12.16
CA LEU C 101 12.77 -15.89 12.94
C LEU C 101 11.51 -16.21 13.75
N THR C 102 11.26 -17.51 13.91
CA THR C 102 10.20 -18.11 14.76
C THR C 102 10.79 -19.38 15.38
N THR C 103 10.18 -19.86 16.46
CA THR C 103 10.50 -21.16 17.09
C THR C 103 9.19 -21.92 17.28
N SER C 104 9.26 -23.21 17.51
CA SER C 104 8.05 -23.99 17.87
C SER C 104 8.12 -24.32 19.36
N THR C 105 9.11 -23.77 20.07
CA THR C 105 9.36 -24.04 21.51
C THR C 105 9.63 -22.75 22.30
N PRO C 106 9.25 -22.71 23.59
CA PRO C 106 9.62 -21.61 24.49
C PRO C 106 11.13 -21.30 24.39
N LEU C 107 11.56 -20.04 24.57
CA LEU C 107 12.99 -19.66 24.54
C LEU C 107 13.23 -18.44 25.43
N GLU C 108 14.48 -17.99 25.54
CA GLU C 108 14.85 -16.64 26.07
C GLU C 108 14.97 -15.66 24.88
N CYS C 109 14.40 -14.47 25.00
CA CYS C 109 14.85 -13.27 24.23
C CYS C 109 15.31 -12.18 25.18
N TRP C 110 16.59 -11.80 25.05
CA TRP C 110 17.11 -10.52 25.58
C TRP C 110 17.37 -9.52 24.43
N ILE C 111 16.36 -8.73 24.10
CA ILE C 111 16.40 -7.73 23.02
C ILE C 111 16.12 -6.36 23.63
N ARG C 112 16.95 -5.36 23.35
CA ARG C 112 16.81 -4.00 23.91
C ARG C 112 17.13 -2.98 22.83
N PRO C 113 16.48 -1.79 22.82
CA PRO C 113 16.78 -0.75 21.85
C PRO C 113 18.05 0.04 22.25
N VAL C 114 19.21 -0.62 22.11
CA VAL C 114 20.56 -0.08 22.43
C VAL C 114 21.41 -0.28 21.18
N GLY C 115 22.69 0.11 21.26
CA GLY C 115 23.58 0.18 20.08
C GLY C 115 24.41 -1.09 19.90
N CYS C 116 24.29 -2.08 20.80
CA CYS C 116 25.20 -3.25 20.81
C CYS C 116 24.65 -4.42 21.64
N SER C 117 24.67 -5.63 21.04
CA SER C 117 24.27 -6.90 21.70
C SER C 117 25.09 -7.07 22.99
N ASN C 118 26.34 -6.67 22.96
CA ASN C 118 27.29 -6.87 24.09
C ASN C 118 26.84 -6.01 25.27
N THR C 119 26.14 -4.92 25.03
CA THR C 119 25.53 -4.11 26.13
C THR C 119 24.46 -4.92 26.85
N VAL C 120 23.63 -5.64 26.08
CA VAL C 120 22.60 -6.57 26.62
C VAL C 120 23.28 -7.72 27.37
N ILE C 121 24.33 -8.33 26.78
CA ILE C 121 25.04 -9.50 27.36
C ILE C 121 25.64 -9.09 28.70
N LYS C 122 26.02 -7.82 28.85
CA LYS C 122 26.52 -7.30 30.16
C LYS C 122 25.38 -7.37 31.18
N MET C 123 24.14 -7.04 30.77
CA MET C 123 22.95 -7.09 31.63
C MET C 123 22.72 -8.54 32.07
N MET C 124 23.01 -9.53 31.22
CA MET C 124 22.82 -10.98 31.50
C MET C 124 23.76 -11.41 32.62
N TYR C 125 25.01 -10.95 32.58
CA TYR C 125 26.02 -11.24 33.64
C TYR C 125 25.50 -10.68 34.96
N ASP C 126 25.06 -9.41 34.98
CA ASP C 126 24.52 -8.72 36.18
C ASP C 126 23.31 -9.51 36.71
N PHE C 127 22.38 -9.93 35.85
CA PHE C 127 21.17 -10.68 36.25
C PHE C 127 21.60 -11.99 36.92
N TYR C 128 22.59 -12.68 36.35
CA TYR C 128 23.05 -14.00 36.87
C TYR C 128 24.00 -13.81 38.05
N GLN C 129 24.49 -12.61 38.30
CA GLN C 129 25.49 -12.30 39.36
C GLN C 129 26.74 -13.15 39.13
N VAL C 130 27.21 -13.20 37.88
CA VAL C 130 28.51 -13.81 37.49
C VAL C 130 29.49 -12.68 37.25
N LYS C 131 30.69 -12.74 37.86
CA LYS C 131 31.73 -11.71 37.64
C LYS C 131 32.20 -11.84 36.19
N ILE C 132 32.41 -10.71 35.51
CA ILE C 132 32.99 -10.64 34.14
C ILE C 132 34.50 -10.70 34.28
N PRO C 133 35.18 -11.76 33.76
CA PRO C 133 36.64 -11.79 33.75
C PRO C 133 37.21 -10.66 32.88
N ALA C 134 38.35 -10.10 33.32
CA ALA C 134 39.03 -8.93 32.72
C ALA C 134 39.15 -9.07 31.19
N ASN C 135 39.52 -10.25 30.71
CA ASN C 135 39.77 -10.47 29.25
C ASN C 135 38.44 -10.35 28.50
N ILE C 136 37.36 -10.93 29.05
CA ILE C 136 36.00 -10.94 28.44
C ILE C 136 35.48 -9.51 28.43
N ALA C 137 35.64 -8.78 29.54
CA ALA C 137 35.18 -7.39 29.66
C ALA C 137 35.73 -6.59 28.48
N GLY C 138 37.04 -6.74 28.19
CA GLY C 138 37.79 -5.99 27.16
C GLY C 138 37.23 -6.22 25.75
N ILE C 139 36.98 -7.45 25.34
CA ILE C 139 36.43 -7.71 23.98
C ILE C 139 34.98 -7.25 23.96
N MET C 140 34.26 -7.34 25.09
CA MET C 140 32.85 -6.84 25.19
C MET C 140 32.89 -5.32 24.98
N MET C 141 33.73 -4.62 25.72
CA MET C 141 34.05 -3.17 25.54
C MET C 141 34.23 -2.85 24.05
N CYS C 142 35.17 -3.52 23.37
CA CYS C 142 35.61 -3.26 21.97
C CYS C 142 34.45 -3.46 20.98
N ALA C 143 33.63 -4.50 21.22
CA ALA C 143 32.40 -4.77 20.46
C ALA C 143 31.48 -3.54 20.50
N ILE C 144 31.34 -2.92 21.67
CA ILE C 144 30.42 -1.74 21.82
C ILE C 144 31.04 -0.52 21.11
N LEU C 145 32.36 -0.32 21.23
CA LEU C 145 33.11 0.78 20.55
C LEU C 145 33.04 0.55 19.03
N SER C 146 33.03 -0.70 18.60
CA SER C 146 32.90 -1.09 17.17
C SER C 146 31.51 -0.68 16.66
N ASP C 147 30.45 -1.14 17.35
CA ASP C 147 29.02 -0.96 16.96
C ASP C 147 28.61 0.51 17.05
N THR C 148 29.01 1.21 18.10
CA THR C 148 28.58 2.60 18.37
C THR C 148 29.57 3.59 17.76
N VAL C 149 30.65 3.09 17.17
CA VAL C 149 31.70 3.91 16.49
C VAL C 149 32.26 4.90 17.51
N ILE C 150 32.78 4.36 18.62
CA ILE C 150 33.32 5.13 19.77
C ILE C 150 32.31 6.24 20.15
N PHE C 151 31.02 5.86 20.20
CA PHE C 151 29.88 6.67 20.73
C PHE C 151 29.40 7.71 19.70
N LYS C 152 30.07 7.86 18.56
CA LYS C 152 29.72 8.87 17.53
C LYS C 152 28.45 8.47 16.76
N SER C 153 28.24 7.17 16.52
CA SER C 153 27.02 6.68 15.82
C SER C 153 25.77 7.15 16.57
N PRO C 154 24.72 7.59 15.84
CA PRO C 154 23.43 7.91 16.47
C PRO C 154 22.68 6.69 17.05
N THR C 155 23.19 5.46 16.85
CA THR C 155 22.63 4.22 17.47
C THR C 155 23.12 4.14 18.92
N CYS C 156 24.23 4.83 19.22
CA CYS C 156 24.77 4.89 20.59
C CYS C 156 23.67 5.37 21.56
N THR C 157 23.43 4.63 22.64
CA THR C 157 22.52 5.06 23.74
C THR C 157 23.34 5.19 25.02
N THR C 158 22.73 5.80 26.03
CA THR C 158 23.30 6.00 27.39
C THR C 158 23.74 4.65 27.94
N ALA C 159 22.99 3.59 27.67
CA ALA C 159 23.30 2.24 28.21
C ALA C 159 24.63 1.72 27.64
N ASP C 160 24.89 1.94 26.34
CA ASP C 160 26.18 1.62 25.68
C ASP C 160 27.34 2.40 26.34
N ILE C 161 27.22 3.70 26.60
CA ILE C 161 28.32 4.57 27.15
C ILE C 161 28.67 4.10 28.57
N ARG C 162 27.68 4.04 29.46
CA ARG C 162 27.86 3.64 30.89
C ARG C 162 28.40 2.20 30.93
N CYS C 163 27.94 1.32 30.05
CA CYS C 163 28.41 -0.08 29.99
C CYS C 163 29.90 -0.14 29.57
N VAL C 164 30.32 0.58 28.53
CA VAL C 164 31.77 0.68 28.19
C VAL C 164 32.54 1.18 29.42
N GLU C 165 32.10 2.25 30.05
CA GLU C 165 32.81 2.83 31.23
C GLU C 165 32.96 1.73 32.28
N ALA C 166 31.90 0.96 32.54
CA ALA C 166 31.87 -0.16 33.52
C ALA C 166 32.88 -1.25 33.14
N LEU C 167 32.91 -1.65 31.86
CA LEU C 167 33.75 -2.77 31.35
C LEU C 167 35.23 -2.36 31.34
N ALA C 168 35.54 -1.14 30.91
CA ALA C 168 36.89 -0.55 30.91
C ALA C 168 37.54 -0.76 32.29
N GLU C 169 36.84 -0.44 33.37
CA GLU C 169 37.38 -0.59 34.75
C GLU C 169 37.63 -2.08 35.05
N ILE C 170 36.70 -2.97 34.69
CA ILE C 170 36.84 -4.43 34.97
C ILE C 170 38.05 -4.98 34.22
N ALA C 171 38.28 -4.55 32.97
CA ALA C 171 39.35 -5.04 32.08
C ALA C 171 40.67 -4.34 32.39
N GLY C 172 40.64 -3.30 33.23
CA GLY C 172 41.81 -2.46 33.56
C GLY C 172 42.34 -1.79 32.31
N VAL C 173 41.44 -1.34 31.45
CA VAL C 173 41.75 -0.41 30.33
C VAL C 173 41.61 1.02 30.87
N GLU C 174 42.69 1.80 30.84
CA GLU C 174 42.68 3.21 31.35
C GLU C 174 42.08 4.12 30.27
N ASP C 175 42.47 3.91 29.01
CA ASP C 175 42.14 4.78 27.85
C ASP C 175 41.32 3.96 26.84
N PHE C 176 40.03 3.74 27.10
CA PHE C 176 39.15 2.90 26.25
C PHE C 176 39.06 3.51 24.86
N LYS C 177 39.11 4.85 24.77
CA LYS C 177 39.03 5.63 23.49
C LYS C 177 40.27 5.36 22.63
N GLU C 178 41.45 5.23 23.23
CA GLU C 178 42.70 4.91 22.49
C GLU C 178 42.58 3.48 21.90
N VAL C 179 41.96 2.54 22.63
CA VAL C 179 41.78 1.14 22.14
C VAL C 179 40.78 1.17 20.98
N GLY C 180 39.80 2.07 21.06
CA GLY C 180 38.78 2.34 20.02
C GLY C 180 39.43 2.83 18.73
N MET C 181 40.30 3.84 18.85
CA MET C 181 41.01 4.43 17.70
C MET C 181 41.97 3.38 17.14
N ASP C 182 42.63 2.61 18.00
CA ASP C 182 43.50 1.46 17.57
C ASP C 182 42.71 0.52 16.64
N MET C 183 41.45 0.20 16.98
CA MET C 183 40.55 -0.67 16.17
C MET C 183 40.30 -0.04 14.80
N PHE C 184 39.92 1.25 14.75
CA PHE C 184 39.53 1.97 13.50
C PHE C 184 40.80 2.26 12.66
N LYS C 185 41.97 2.42 13.28
CA LYS C 185 43.25 2.37 12.54
C LYS C 185 43.41 1.03 11.81
N VAL C 186 43.23 -0.10 12.50
CA VAL C 186 43.33 -1.44 11.84
C VAL C 186 42.29 -1.53 10.71
N LYS C 187 41.09 -0.93 10.87
CA LYS C 187 40.01 -0.98 9.85
C LYS C 187 40.40 -0.10 8.65
N SER C 188 41.26 0.89 8.88
CA SER C 188 41.69 1.93 7.91
C SER C 188 42.80 1.39 7.00
N ALA C 189 43.46 0.29 7.38
CA ALA C 189 44.55 -0.36 6.60
C ALA C 189 43.97 -1.16 5.42
N VAL C 190 43.53 -0.48 4.36
CA VAL C 190 42.78 -1.11 3.21
C VAL C 190 43.70 -1.31 2.00
N GLU C 191 44.93 -0.80 2.01
CA GLU C 191 45.91 -1.03 0.92
C GLU C 191 46.22 -2.54 0.83
N GLY C 192 46.26 -3.07 -0.39
CA GLY C 192 46.68 -4.46 -0.68
C GLY C 192 45.53 -5.44 -0.60
N THR C 193 44.30 -4.98 -0.32
CA THR C 193 43.09 -5.85 -0.17
C THR C 193 42.31 -5.81 -1.47
N PRO C 194 42.07 -6.97 -2.14
CA PRO C 194 41.23 -7.03 -3.34
C PRO C 194 39.89 -6.30 -3.11
N ALA C 195 39.43 -5.56 -4.12
CA ALA C 195 38.19 -4.74 -4.10
C ALA C 195 37.00 -5.56 -3.57
N ARG C 196 36.88 -6.85 -3.95
CA ARG C 196 35.70 -7.70 -3.61
C ARG C 196 35.72 -7.98 -2.11
N ASP C 197 36.89 -8.26 -1.54
CA ASP C 197 37.07 -8.44 -0.08
C ASP C 197 36.55 -7.20 0.66
N LEU C 198 36.81 -6.00 0.13
CA LEU C 198 36.40 -4.70 0.75
C LEU C 198 34.88 -4.51 0.61
N VAL C 199 34.32 -4.81 -0.56
CA VAL C 199 32.87 -4.64 -0.84
C VAL C 199 32.06 -5.56 0.08
N MET C 200 32.56 -6.78 0.35
CA MET C 200 31.85 -7.87 1.09
C MET C 200 32.18 -7.82 2.60
N ARG C 201 33.16 -7.02 3.04
CA ARG C 201 33.65 -7.04 4.46
C ARG C 201 32.45 -6.87 5.40
N ASP C 202 31.59 -5.87 5.15
CA ASP C 202 30.28 -5.75 5.85
C ASP C 202 29.16 -5.45 4.84
N PHE C 203 28.71 -6.46 4.10
CA PHE C 203 27.72 -6.33 2.99
C PHE C 203 26.43 -7.08 3.35
N LYS C 204 25.28 -6.44 3.09
CA LYS C 204 23.92 -6.99 3.33
C LYS C 204 23.03 -6.77 2.11
N ASP C 205 22.15 -7.74 1.83
CA ASP C 205 21.10 -7.65 0.78
C ASP C 205 19.78 -7.25 1.44
N PHE C 206 19.03 -6.35 0.79
CA PHE C 206 17.71 -5.84 1.23
C PHE C 206 16.72 -6.05 0.08
N ASN C 207 15.50 -6.50 0.41
CA ASN C 207 14.35 -6.59 -0.53
C ASN C 207 13.41 -5.43 -0.22
N MET C 208 13.55 -4.33 -0.95
CA MET C 208 12.79 -3.06 -0.77
C MET C 208 11.67 -2.99 -1.80
N ASN C 209 10.49 -3.50 -1.43
CA ASN C 209 9.24 -3.50 -2.24
C ASN C 209 9.52 -4.16 -3.60
N GLY C 210 10.04 -5.39 -3.57
CA GLY C 210 10.28 -6.25 -4.75
C GLY C 210 11.65 -6.06 -5.38
N ASN C 211 12.41 -5.02 -4.99
CA ASN C 211 13.69 -4.61 -5.61
C ASN C 211 14.87 -5.03 -4.71
N LEU C 212 15.85 -5.73 -5.28
CA LEU C 212 17.02 -6.28 -4.54
C LEU C 212 18.14 -5.26 -4.50
N VAL C 213 18.44 -4.73 -3.30
CA VAL C 213 19.40 -3.62 -3.05
C VAL C 213 20.48 -4.13 -2.09
N GLY C 214 21.72 -4.20 -2.56
CA GLY C 214 22.91 -4.61 -1.78
C GLY C 214 23.69 -3.40 -1.30
N ILE C 215 24.10 -3.37 -0.03
CA ILE C 215 24.78 -2.21 0.61
C ILE C 215 26.00 -2.72 1.40
N GLY C 216 27.21 -2.35 0.96
CA GLY C 216 28.47 -2.52 1.71
C GLY C 216 28.78 -1.30 2.56
N GLN C 217 29.65 -1.42 3.56
CA GLN C 217 30.15 -0.26 4.34
C GLN C 217 31.58 -0.56 4.82
N LEU C 218 32.50 0.41 4.67
CA LEU C 218 33.81 0.44 5.35
C LEU C 218 33.89 1.71 6.22
N GLU C 219 34.33 1.56 7.45
CA GLU C 219 34.50 2.66 8.44
C GLU C 219 36.01 2.85 8.66
N VAL C 220 36.53 4.04 8.35
CA VAL C 220 38.00 4.32 8.43
C VAL C 220 38.17 5.65 9.14
N ILE C 221 39.40 5.95 9.56
CA ILE C 221 39.77 7.22 10.24
C ILE C 221 39.90 8.34 9.20
N ASP C 222 40.32 8.01 7.97
CA ASP C 222 40.55 9.04 6.92
C ASP C 222 40.08 8.49 5.56
N LEU C 223 39.18 9.24 4.92
CA LEU C 223 38.53 8.94 3.63
C LEU C 223 39.56 8.87 2.49
N ALA C 224 40.71 9.55 2.64
CA ALA C 224 41.79 9.66 1.64
C ALA C 224 42.43 8.29 1.33
N VAL C 225 42.32 7.31 2.24
CA VAL C 225 42.93 5.95 2.08
C VAL C 225 42.36 5.26 0.84
N PHE C 226 41.14 5.64 0.39
CA PHE C 226 40.41 4.98 -0.71
C PHE C 226 40.76 5.58 -2.08
N ASP C 227 41.48 6.73 -2.10
CA ASP C 227 41.73 7.55 -3.32
C ASP C 227 42.24 6.70 -4.49
N ASP C 228 43.22 5.82 -4.24
CA ASP C 228 43.98 5.08 -5.28
C ASP C 228 43.22 3.82 -5.71
N ILE C 229 42.31 3.30 -4.88
CA ILE C 229 41.60 2.00 -5.10
C ILE C 229 40.12 2.27 -5.46
N LYS C 230 39.67 3.53 -5.41
CA LYS C 230 38.23 3.91 -5.52
C LYS C 230 37.62 3.46 -6.85
N ALA C 231 38.41 3.54 -7.94
CA ALA C 231 37.97 3.17 -9.31
C ALA C 231 37.74 1.65 -9.37
N ASP C 232 38.63 0.86 -8.75
CA ASP C 232 38.50 -0.62 -8.62
C ASP C 232 37.21 -0.97 -7.86
N LEU C 233 36.89 -0.20 -6.81
CA LEU C 233 35.64 -0.37 -6.03
C LEU C 233 34.43 -0.14 -6.92
N GLU C 234 34.41 0.97 -7.67
CA GLU C 234 33.27 1.35 -8.55
C GLU C 234 33.05 0.28 -9.63
N ALA C 235 34.13 -0.33 -10.11
CA ALA C 235 34.11 -1.40 -11.14
C ALA C 235 33.54 -2.68 -10.52
N ASP C 236 33.87 -2.94 -9.25
CA ASP C 236 33.52 -4.22 -8.60
C ASP C 236 32.06 -4.20 -8.13
N ILE C 237 31.51 -3.02 -7.79
CA ILE C 237 30.08 -2.90 -7.37
C ILE C 237 29.18 -3.01 -8.60
N ALA C 238 29.68 -2.62 -9.78
CA ALA C 238 29.01 -2.82 -11.08
C ALA C 238 28.94 -4.32 -11.38
N LYS C 239 30.09 -5.03 -11.31
CA LYS C 239 30.18 -6.50 -11.47
C LYS C 239 29.15 -7.19 -10.57
N LEU C 240 29.17 -6.87 -9.26
CA LEU C 240 28.38 -7.55 -8.20
C LEU C 240 26.89 -7.34 -8.46
N LYS C 241 26.50 -6.15 -8.92
CA LYS C 241 25.11 -5.79 -9.30
C LYS C 241 24.58 -6.76 -10.35
N VAL C 242 25.45 -7.12 -11.31
CA VAL C 242 25.14 -8.08 -12.41
C VAL C 242 25.10 -9.49 -11.82
N GLU C 243 26.12 -9.86 -11.03
CA GLU C 243 26.31 -11.23 -10.53
C GLU C 243 25.09 -11.70 -9.72
N GLY C 244 24.35 -10.76 -9.10
CA GLY C 244 23.17 -11.08 -8.27
C GLY C 244 21.86 -10.70 -8.92
N ASN C 245 21.91 -10.08 -10.10
CA ASN C 245 20.74 -9.46 -10.78
C ASN C 245 20.09 -8.47 -9.79
N ARG C 246 20.88 -7.54 -9.25
CA ARG C 246 20.45 -6.52 -8.26
C ARG C 246 19.99 -5.25 -8.99
N HIS C 247 18.92 -4.64 -8.49
CA HIS C 247 18.44 -3.28 -8.88
C HIS C 247 19.53 -2.23 -8.61
N SER C 248 20.19 -2.31 -7.45
CA SER C 248 21.13 -1.28 -6.90
C SER C 248 22.23 -1.95 -6.05
N VAL C 249 23.48 -1.54 -6.24
CA VAL C 249 24.61 -1.83 -5.30
C VAL C 249 25.24 -0.50 -4.85
N LEU C 250 25.26 -0.24 -3.54
CA LEU C 250 25.83 0.99 -2.94
C LEU C 250 26.95 0.59 -1.96
N LEU C 251 28.04 1.36 -1.96
CA LEU C 251 29.18 1.19 -1.01
C LEU C 251 29.35 2.48 -0.19
N LEU C 252 29.21 2.39 1.13
CA LEU C 252 29.43 3.50 2.08
C LEU C 252 30.92 3.55 2.43
N LEU C 253 31.62 4.62 2.07
CA LEU C 253 32.98 4.94 2.60
C LEU C 253 32.82 5.93 3.73
N THR C 254 32.88 5.45 4.98
CA THR C 254 32.48 6.20 6.21
C THR C 254 33.76 6.70 6.91
N ASP C 255 33.93 8.02 6.98
CA ASP C 255 35.04 8.72 7.69
C ASP C 255 34.53 9.02 9.11
N ILE C 256 35.09 8.36 10.13
CA ILE C 256 34.56 8.46 11.54
C ILE C 256 35.03 9.77 12.17
N MET C 257 36.01 10.46 11.57
CA MET C 257 36.52 11.77 12.07
C MET C 257 35.69 12.92 11.49
N LYS C 258 35.46 12.93 10.17
CA LYS C 258 34.56 13.92 9.51
C LYS C 258 33.11 13.61 9.88
N GLU C 259 32.83 12.40 10.33
CA GLU C 259 31.49 11.91 10.76
C GLU C 259 30.56 11.97 9.54
N GLY C 260 30.95 11.37 8.42
CA GLY C 260 30.16 11.34 7.18
C GLY C 260 30.51 10.14 6.31
N SER C 261 29.74 9.90 5.24
CA SER C 261 29.92 8.76 4.32
C SER C 261 29.88 9.23 2.86
N GLU C 262 30.92 8.90 2.08
CA GLU C 262 30.86 8.98 0.59
C GLU C 262 30.21 7.69 0.09
N MET C 263 29.09 7.80 -0.64
CA MET C 263 28.33 6.64 -1.15
C MET C 263 28.61 6.47 -2.64
N LEU C 264 29.23 5.34 -3.02
CA LEU C 264 29.36 4.91 -4.45
C LEU C 264 28.06 4.20 -4.85
N VAL C 265 27.48 4.57 -6.00
CA VAL C 265 26.13 4.12 -6.44
C VAL C 265 26.23 3.53 -7.85
N VAL C 266 25.72 2.31 -8.01
CA VAL C 266 25.27 1.73 -9.31
C VAL C 266 23.82 1.27 -9.11
N SER C 267 22.89 1.82 -9.89
CA SER C 267 21.43 1.64 -9.73
C SER C 267 20.76 1.61 -11.11
N ASP C 268 19.65 0.86 -11.22
CA ASP C 268 18.72 0.90 -12.39
C ASP C 268 17.94 2.21 -12.34
N SER C 269 17.87 2.86 -11.17
CA SER C 269 17.22 4.19 -10.97
C SER C 269 18.30 5.28 -10.97
N ALA C 270 18.25 6.13 -12.01
CA ALA C 270 19.22 7.22 -12.31
C ALA C 270 19.19 8.29 -11.20
N ASP C 271 18.03 8.52 -10.56
CA ASP C 271 17.83 9.61 -9.57
C ASP C 271 17.64 9.02 -8.16
N LEU C 272 18.29 7.88 -7.84
CA LEU C 272 18.05 7.11 -6.58
C LEU C 272 18.35 7.97 -5.36
N THR C 273 19.55 8.58 -5.29
CA THR C 273 20.03 9.30 -4.09
C THR C 273 19.35 10.67 -3.99
N GLU C 274 18.82 11.18 -5.11
CA GLU C 274 18.05 12.45 -5.17
C GLU C 274 16.68 12.25 -4.51
N ARG C 275 16.05 11.09 -4.74
CA ARG C 275 14.69 10.76 -4.24
C ARG C 275 14.77 10.41 -2.75
N ALA C 276 15.75 9.59 -2.34
CA ALA C 276 15.85 9.01 -0.98
C ALA C 276 16.44 10.03 0.02
N TYR C 277 17.43 10.83 -0.38
CA TYR C 277 18.22 11.71 0.52
C TYR C 277 18.08 13.20 0.16
N GLY C 278 17.50 13.53 -1.00
CA GLY C 278 17.42 14.91 -1.52
C GLY C 278 18.79 15.45 -1.89
N LYS C 279 19.74 14.56 -2.21
CA LYS C 279 21.09 14.94 -2.70
C LYS C 279 21.48 14.01 -3.84
N PRO C 280 21.65 14.53 -5.08
CA PRO C 280 21.90 13.69 -6.25
C PRO C 280 23.33 13.13 -6.27
N THR C 281 23.52 12.00 -6.94
CA THR C 281 24.85 11.39 -7.24
C THR C 281 25.48 12.13 -8.41
N VAL C 282 26.81 12.32 -8.38
CA VAL C 282 27.62 12.97 -9.44
C VAL C 282 28.70 11.96 -9.87
N ASP C 283 28.49 11.34 -11.05
CA ASP C 283 29.35 10.27 -11.61
C ASP C 283 29.33 9.06 -10.66
N GLY C 284 28.14 8.71 -10.16
CA GLY C 284 27.91 7.57 -9.26
C GLY C 284 28.60 7.73 -7.91
N ARG C 285 28.56 8.95 -7.36
CA ARG C 285 29.16 9.35 -6.06
C ARG C 285 28.35 10.49 -5.44
N VAL C 286 28.14 10.46 -4.13
CA VAL C 286 27.47 11.57 -3.36
C VAL C 286 28.04 11.57 -1.93
N TRP C 287 28.40 12.76 -1.41
CA TRP C 287 28.84 12.95 0.00
C TRP C 287 27.60 13.17 0.87
N LEU C 288 27.45 12.38 1.94
CA LEU C 288 26.29 12.43 2.86
C LEU C 288 26.81 12.86 4.25
N ASP C 289 26.78 14.15 4.54
CA ASP C 289 27.29 14.73 5.81
C ASP C 289 26.54 14.08 6.99
N GLY C 290 27.25 13.76 8.07
CA GLY C 290 26.66 13.27 9.33
C GLY C 290 26.28 11.80 9.29
N VAL C 291 26.41 11.11 8.14
CA VAL C 291 25.90 9.71 7.96
C VAL C 291 26.97 8.72 8.42
N LEU C 292 26.64 7.91 9.43
CA LEU C 292 27.55 6.91 10.06
C LEU C 292 26.90 5.52 10.05
N SER C 293 25.58 5.44 10.27
CA SER C 293 24.83 4.18 10.53
C SER C 293 24.03 3.77 9.29
N ARG C 294 24.25 2.55 8.80
CA ARG C 294 23.45 1.98 7.68
C ARG C 294 22.00 1.77 8.14
N LYS C 295 21.77 1.17 9.31
CA LYS C 295 20.40 0.73 9.70
C LYS C 295 19.53 1.94 10.10
N LYS C 296 20.12 3.10 10.41
CA LYS C 296 19.40 4.27 10.97
C LYS C 296 19.37 5.44 9.96
N GLN C 297 20.43 5.67 9.18
CA GLN C 297 20.55 6.89 8.32
C GLN C 297 20.51 6.57 6.82
N VAL C 298 20.65 5.30 6.40
CA VAL C 298 20.83 4.94 4.96
C VAL C 298 19.60 4.15 4.48
N VAL C 299 19.21 3.12 5.20
CA VAL C 299 18.18 2.10 4.80
C VAL C 299 16.79 2.71 4.89
N PRO C 300 16.37 3.33 6.01
CA PRO C 300 15.02 3.87 6.12
C PRO C 300 14.62 4.75 4.91
N ALA C 301 15.50 5.64 4.46
CA ALA C 301 15.25 6.64 3.39
C ALA C 301 15.18 5.96 2.00
N LEU C 302 15.92 4.86 1.79
CA LEU C 302 15.87 4.05 0.55
C LEU C 302 14.54 3.30 0.50
N GLN C 303 14.18 2.63 1.59
CA GLN C 303 12.92 1.84 1.75
C GLN C 303 11.73 2.76 1.48
N ASP C 304 11.77 4.00 1.99
CA ASP C 304 10.70 5.04 1.81
C ASP C 304 10.56 5.39 0.33
N ALA C 305 11.66 5.42 -0.42
CA ALA C 305 11.72 5.84 -1.85
C ALA C 305 11.27 4.71 -2.78
N PHE C 306 11.34 3.43 -2.36
CA PHE C 306 10.95 2.25 -3.18
C PHE C 306 9.45 1.94 -2.99
N GLN C 307 8.84 2.43 -1.90
CA GLN C 307 7.42 2.15 -1.52
C GLN C 307 6.47 3.08 -2.33
N LYS C 308 6.92 4.29 -2.65
CA LYS C 308 6.07 5.38 -3.22
C LYS C 308 5.53 5.01 -4.61
N SER D 3 1.62 8.33 25.05
CA SER D 3 1.90 7.20 25.97
C SER D 3 1.91 5.89 25.18
N MET D 4 2.51 4.83 25.72
CA MET D 4 2.38 3.47 25.13
C MET D 4 1.13 2.80 25.73
N TYR D 5 0.47 1.96 24.92
CA TYR D 5 -0.61 1.03 25.35
C TYR D 5 0.02 -0.37 25.57
N VAL D 6 -0.11 -0.86 26.80
CA VAL D 6 0.32 -2.23 27.18
C VAL D 6 -0.88 -3.14 27.01
N VAL D 7 -0.78 -4.17 26.18
CA VAL D 7 -2.01 -4.94 25.86
C VAL D 7 -1.66 -6.41 25.61
N GLY D 8 -2.48 -7.30 26.16
CA GLY D 8 -2.35 -8.75 25.96
C GLY D 8 -3.20 -9.21 24.78
N HIS D 9 -3.46 -10.51 24.73
CA HIS D 9 -4.09 -11.18 23.56
C HIS D 9 -5.61 -10.99 23.58
N LYS D 10 -6.20 -11.11 22.38
CA LYS D 10 -7.65 -11.29 22.16
C LYS D 10 -8.12 -12.38 23.13
N ILE D 11 -9.34 -12.21 23.65
CA ILE D 11 -9.95 -13.08 24.70
C ILE D 11 -9.01 -13.08 25.90
N PRO D 12 -8.77 -11.90 26.50
CA PRO D 12 -7.79 -11.77 27.59
C PRO D 12 -8.00 -12.72 28.77
N ASP D 13 -6.92 -13.34 29.23
CA ASP D 13 -6.92 -14.16 30.48
C ASP D 13 -6.35 -13.28 31.60
N SER D 14 -6.19 -13.82 32.81
CA SER D 14 -5.64 -13.06 33.96
C SER D 14 -4.24 -12.53 33.64
N ASP D 15 -3.38 -13.36 33.01
CA ASP D 15 -1.97 -13.00 32.67
C ASP D 15 -1.97 -11.75 31.81
N SER D 16 -2.75 -11.72 30.72
CA SER D 16 -2.83 -10.57 29.78
C SER D 16 -3.31 -9.30 30.51
N ILE D 17 -4.30 -9.40 31.42
CA ILE D 17 -4.93 -8.21 32.08
C ILE D 17 -4.03 -7.75 33.25
N CYS D 18 -3.65 -8.66 34.14
CA CYS D 18 -2.80 -8.37 35.33
C CYS D 18 -1.41 -7.93 34.86
N GLY D 19 -0.92 -8.47 33.74
CA GLY D 19 0.39 -8.12 33.17
C GLY D 19 0.36 -6.68 32.68
N ALA D 20 -0.71 -6.30 31.97
CA ALA D 20 -0.93 -4.94 31.42
C ALA D 20 -0.87 -3.92 32.56
N ILE D 21 -1.60 -4.15 33.64
CA ILE D 21 -1.63 -3.21 34.80
C ILE D 21 -0.23 -3.17 35.40
N ALA D 22 0.42 -4.33 35.53
CA ALA D 22 1.68 -4.48 36.27
C ALA D 22 2.83 -3.85 35.48
N LEU D 23 2.83 -3.97 34.16
CA LEU D 23 3.90 -3.37 33.33
C LEU D 23 3.66 -1.86 33.17
N ALA D 24 2.39 -1.42 33.05
CA ALA D 24 2.05 0.01 32.91
C ALA D 24 2.56 0.77 34.14
N TYR D 25 2.29 0.28 35.34
CA TYR D 25 2.74 0.89 36.61
C TYR D 25 4.25 1.09 36.53
N LEU D 26 4.99 0.01 36.20
CA LEU D 26 6.48 0.03 36.17
C LEU D 26 7.00 1.10 35.20
N LYS D 27 6.48 1.09 33.97
CA LYS D 27 6.87 2.05 32.91
C LYS D 27 6.59 3.48 33.41
N ASN D 28 5.44 3.75 34.03
CA ASN D 28 5.08 5.11 34.52
C ASN D 28 6.06 5.51 35.63
N GLN D 29 6.57 4.54 36.39
CA GLN D 29 7.50 4.82 37.52
C GLN D 29 8.90 5.15 36.99
N ILE D 30 9.26 4.68 35.80
CA ILE D 30 10.61 4.92 35.21
C ILE D 30 10.50 5.98 34.12
N GLY D 31 9.39 6.74 34.08
CA GLY D 31 9.21 7.92 33.21
C GLY D 31 8.99 7.56 31.75
N GLU D 32 8.41 6.38 31.47
CA GLU D 32 8.02 5.91 30.10
C GLU D 32 6.49 5.77 30.07
N PRO D 33 5.75 6.87 29.84
CA PRO D 33 4.30 6.87 30.06
C PRO D 33 3.58 5.71 29.33
N ALA D 34 2.58 5.13 30.00
CA ALA D 34 1.96 3.86 29.62
C ALA D 34 0.54 3.79 30.18
N ILE D 35 -0.35 3.19 29.39
CA ILE D 35 -1.80 2.96 29.66
C ILE D 35 -2.08 1.47 29.46
N ALA D 36 -2.52 0.78 30.51
CA ALA D 36 -3.04 -0.61 30.43
C ALA D 36 -4.25 -0.63 29.49
N ALA D 37 -4.39 -1.66 28.67
CA ALA D 37 -5.54 -1.84 27.74
C ALA D 37 -5.89 -3.33 27.61
N ARG D 38 -7.10 -3.62 27.12
CA ARG D 38 -7.57 -4.99 26.83
C ARG D 38 -8.29 -5.02 25.48
N LEU D 39 -8.37 -6.20 24.87
CA LEU D 39 -9.03 -6.45 23.55
C LEU D 39 -10.37 -7.17 23.73
N GLY D 40 -10.80 -7.38 24.98
CA GLY D 40 -12.07 -8.07 25.25
C GLY D 40 -12.49 -7.97 26.70
N GLU D 41 -13.60 -8.62 27.02
CA GLU D 41 -14.20 -8.61 28.38
C GLU D 41 -13.32 -9.45 29.29
N LEU D 42 -13.35 -9.13 30.58
CA LEU D 42 -12.75 -9.95 31.67
C LEU D 42 -13.63 -11.17 31.93
N SER D 43 -13.02 -12.35 32.04
CA SER D 43 -13.58 -13.54 32.72
C SER D 43 -13.96 -13.17 34.16
N PRO D 44 -14.97 -13.84 34.79
CA PRO D 44 -15.23 -13.65 36.22
C PRO D 44 -14.01 -13.82 37.14
N GLU D 45 -13.11 -14.75 36.80
CA GLU D 45 -11.82 -15.01 37.48
C GLU D 45 -11.02 -13.70 37.57
N THR D 46 -10.69 -13.11 36.42
CA THR D 46 -9.87 -11.87 36.34
C THR D 46 -10.59 -10.73 37.08
N ALA D 47 -11.91 -10.58 36.88
CA ALA D 47 -12.73 -9.53 37.53
C ALA D 47 -12.61 -9.67 39.06
N PHE D 48 -12.60 -10.91 39.59
CA PHE D 48 -12.46 -11.19 41.04
C PHE D 48 -11.10 -10.71 41.53
N ILE D 49 -10.03 -10.96 40.76
CA ILE D 49 -8.61 -10.65 41.15
C ILE D 49 -8.49 -9.14 41.32
N LEU D 50 -8.97 -8.40 40.32
CA LEU D 50 -8.92 -6.90 40.32
C LEU D 50 -9.73 -6.35 41.50
N GLU D 51 -10.96 -6.86 41.72
CA GLU D 51 -11.86 -6.44 42.81
C GLU D 51 -11.16 -6.65 44.17
N LYS D 52 -10.58 -7.83 44.38
CA LYS D 52 -9.93 -8.25 45.65
C LYS D 52 -8.75 -7.31 45.99
N PHE D 53 -7.94 -6.90 45.00
CA PHE D 53 -6.73 -6.08 45.21
C PHE D 53 -7.00 -4.60 44.87
N GLY D 54 -8.19 -4.26 44.37
CA GLY D 54 -8.70 -2.87 44.36
C GLY D 54 -8.38 -2.09 43.09
N PHE D 55 -8.36 -2.76 41.95
CA PHE D 55 -7.94 -2.21 40.62
C PHE D 55 -9.14 -2.09 39.70
N GLU D 56 -9.07 -1.12 38.79
CA GLU D 56 -10.03 -0.94 37.67
C GLU D 56 -9.53 -1.79 36.49
N ALA D 57 -10.45 -2.43 35.76
CA ALA D 57 -10.18 -3.07 34.45
C ALA D 57 -9.39 -2.12 33.56
N PRO D 58 -8.40 -2.63 32.79
CA PRO D 58 -7.78 -1.83 31.73
C PRO D 58 -8.82 -1.29 30.74
N GLU D 59 -8.45 -0.20 30.04
CA GLU D 59 -9.28 0.42 28.98
C GLU D 59 -9.53 -0.59 27.86
N TYR D 60 -10.79 -0.82 27.49
CA TYR D 60 -11.17 -1.59 26.28
C TYR D 60 -10.79 -0.78 25.04
N LYS D 61 -9.90 -1.32 24.21
CA LYS D 61 -9.40 -0.62 23.00
C LYS D 61 -9.05 -1.66 21.95
N THR D 62 -9.59 -1.52 20.73
CA THR D 62 -9.39 -2.49 19.61
C THR D 62 -8.58 -1.87 18.46
N SER D 63 -8.58 -0.54 18.32
CA SER D 63 -7.82 0.14 17.23
C SER D 63 -6.55 0.82 17.78
N TYR D 64 -5.39 0.46 17.21
CA TYR D 64 -4.04 0.85 17.69
C TYR D 64 -3.24 1.53 16.58
N ALA D 65 -3.77 1.64 15.36
CA ALA D 65 -3.10 2.32 14.23
C ALA D 65 -2.52 3.64 14.75
N GLY D 66 -1.24 3.90 14.51
CA GLY D 66 -0.55 5.17 14.86
C GLY D 66 -0.17 5.28 16.33
N GLU D 67 -0.34 4.21 17.11
CA GLU D 67 -0.02 4.21 18.57
C GLU D 67 1.21 3.34 18.83
N GLU D 68 1.84 3.55 19.99
CA GLU D 68 2.91 2.71 20.56
C GLU D 68 2.25 1.61 21.39
N VAL D 69 2.72 0.38 21.25
CA VAL D 69 2.06 -0.83 21.81
C VAL D 69 3.16 -1.69 22.46
N TYR D 70 2.93 -2.09 23.72
CA TYR D 70 3.76 -3.10 24.42
C TYR D 70 2.90 -4.35 24.53
N ILE D 71 3.32 -5.41 23.84
CA ILE D 71 2.54 -6.68 23.75
C ILE D 71 2.84 -7.54 24.98
N VAL D 72 1.81 -8.15 25.57
CA VAL D 72 1.94 -9.11 26.71
C VAL D 72 1.38 -10.48 26.32
N ASP D 73 2.14 -11.56 26.61
CA ASP D 73 1.64 -12.96 26.75
C ASP D 73 1.30 -13.55 25.38
N HIS D 74 1.88 -13.03 24.31
CA HIS D 74 1.94 -13.68 22.98
C HIS D 74 3.02 -13.00 22.12
N SER D 75 3.31 -13.54 20.94
CA SER D 75 4.10 -12.88 19.87
C SER D 75 3.50 -13.27 18.52
N GLU D 76 2.17 -13.35 18.45
CA GLU D 76 1.39 -13.79 17.26
C GLU D 76 0.60 -12.63 16.64
N ILE D 77 0.50 -12.60 15.32
CA ILE D 77 -0.34 -11.65 14.54
C ILE D 77 -1.81 -11.89 14.94
N THR D 78 -2.30 -13.13 14.92
CA THR D 78 -3.77 -13.41 15.07
C THR D 78 -4.25 -13.01 16.47
N GLN D 79 -3.39 -13.15 17.49
CA GLN D 79 -3.74 -12.76 18.89
C GLN D 79 -3.54 -11.24 19.12
N ALA D 80 -2.93 -10.53 18.16
CA ALA D 80 -2.64 -9.07 18.24
C ALA D 80 -3.88 -8.29 17.79
N PRO D 81 -3.95 -6.97 18.09
CA PRO D 81 -5.00 -6.11 17.55
C PRO D 81 -5.05 -6.18 16.02
N ASP D 82 -6.23 -6.01 15.42
CA ASP D 82 -6.42 -6.23 13.96
C ASP D 82 -5.41 -5.39 13.19
N ASP D 83 -5.18 -4.15 13.64
CA ASP D 83 -4.45 -3.08 12.89
C ASP D 83 -3.06 -2.89 13.49
N ILE D 84 -2.44 -3.98 13.97
CA ILE D 84 -1.11 -3.96 14.67
C ILE D 84 -0.01 -3.57 13.68
N ALA D 85 -0.18 -3.92 12.40
CA ALA D 85 0.71 -3.53 11.29
C ALA D 85 0.86 -2.00 11.20
N GLN D 86 -0.20 -1.23 11.53
CA GLN D 86 -0.17 0.26 11.48
C GLN D 86 0.25 0.84 12.82
N ALA D 87 0.52 0.01 13.84
CA ALA D 87 1.07 0.48 15.13
C ALA D 87 2.58 0.26 15.14
N THR D 88 3.22 0.71 16.21
CA THR D 88 4.65 0.48 16.49
C THR D 88 4.72 -0.35 17.77
N ILE D 89 5.17 -1.61 17.66
CA ILE D 89 5.48 -2.47 18.84
C ILE D 89 6.77 -1.92 19.45
N VAL D 90 6.73 -1.45 20.70
CA VAL D 90 7.94 -0.93 21.42
C VAL D 90 8.44 -1.98 22.40
N GLY D 91 7.64 -3.03 22.65
CA GLY D 91 7.99 -4.06 23.65
C GLY D 91 7.21 -5.33 23.42
N ILE D 92 7.82 -6.47 23.74
CA ILE D 92 7.08 -7.75 23.93
C ILE D 92 7.57 -8.36 25.23
N VAL D 93 6.64 -8.72 26.12
CA VAL D 93 6.94 -9.57 27.31
C VAL D 93 6.07 -10.82 27.22
N ASP D 94 6.68 -12.00 27.21
CA ASP D 94 5.95 -13.28 26.96
C ASP D 94 6.76 -14.45 27.49
N HIS D 95 6.16 -15.64 27.43
CA HIS D 95 6.77 -16.93 27.84
C HIS D 95 6.33 -18.00 26.84
N HIS D 96 6.01 -17.63 25.59
CA HIS D 96 5.67 -18.60 24.53
C HIS D 96 6.77 -18.67 23.47
N LYS D 97 6.61 -19.63 22.56
CA LYS D 97 7.32 -19.71 21.26
C LYS D 97 7.26 -18.35 20.55
N LEU D 98 8.29 -18.04 19.78
CA LEU D 98 8.38 -16.78 19.01
C LEU D 98 7.52 -16.93 17.75
N GLY D 99 6.47 -16.11 17.65
CA GLY D 99 5.51 -16.13 16.54
C GLY D 99 5.90 -15.13 15.46
N ASP D 100 4.92 -14.76 14.65
CA ASP D 100 5.12 -14.13 13.32
C ASP D 100 5.02 -12.60 13.46
N LEU D 101 4.93 -12.07 14.68
CA LEU D 101 5.06 -10.61 14.89
C LEU D 101 6.45 -10.21 14.38
N THR D 102 6.51 -9.01 13.80
CA THR D 102 7.74 -8.32 13.33
C THR D 102 7.58 -6.84 13.65
N THR D 103 8.71 -6.13 13.69
CA THR D 103 8.75 -4.65 13.82
C THR D 103 9.71 -4.15 12.75
N SER D 104 9.63 -2.88 12.41
CA SER D 104 10.62 -2.26 11.49
C SER D 104 11.56 -1.39 12.32
N THR D 105 11.40 -1.42 13.66
CA THR D 105 12.11 -0.51 14.61
C THR D 105 12.63 -1.29 15.82
N PRO D 106 13.78 -0.85 16.39
CA PRO D 106 14.29 -1.44 17.62
C PRO D 106 13.21 -1.53 18.69
N LEU D 107 13.25 -2.53 19.58
CA LEU D 107 12.26 -2.67 20.68
C LEU D 107 12.92 -3.39 21.86
N GLU D 108 12.17 -3.55 22.97
CA GLU D 108 12.52 -4.53 24.03
C GLU D 108 11.78 -5.84 23.79
N CYS D 109 12.45 -6.98 23.95
CA CYS D 109 11.81 -8.28 24.23
C CYS D 109 12.31 -8.83 25.56
N TRP D 110 11.38 -9.06 26.48
CA TRP D 110 11.60 -9.91 27.68
C TRP D 110 10.77 -11.20 27.53
N ILE D 111 11.39 -12.22 26.94
CA ILE D 111 10.76 -13.54 26.71
C ILE D 111 11.61 -14.58 27.43
N ARG D 112 10.98 -15.41 28.25
CA ARG D 112 11.69 -16.44 29.05
C ARG D 112 10.88 -17.73 29.00
N PRO D 113 11.55 -18.91 29.01
CA PRO D 113 10.84 -20.19 29.02
C PRO D 113 10.28 -20.54 30.41
N VAL D 114 9.26 -19.79 30.82
CA VAL D 114 8.57 -19.91 32.14
C VAL D 114 7.09 -20.09 31.87
N GLY D 115 6.29 -20.22 32.93
CA GLY D 115 4.85 -20.55 32.86
C GLY D 115 3.95 -19.31 32.85
N CYS D 116 4.51 -18.09 32.94
CA CYS D 116 3.71 -16.85 33.10
C CYS D 116 4.49 -15.56 32.78
N SER D 117 3.88 -14.69 31.96
CA SER D 117 4.41 -13.36 31.60
C SER D 117 4.72 -12.55 32.86
N ASN D 118 3.89 -12.71 33.88
CA ASN D 118 3.98 -11.92 35.14
C ASN D 118 5.25 -12.34 35.88
N THR D 119 5.75 -13.55 35.67
CA THR D 119 7.05 -14.00 36.24
C THR D 119 8.18 -13.18 35.63
N VAL D 120 8.11 -12.92 34.32
CA VAL D 120 9.08 -12.09 33.58
C VAL D 120 8.97 -10.65 34.07
N ILE D 121 7.74 -10.13 34.19
CA ILE D 121 7.48 -8.71 34.57
C ILE D 121 8.06 -8.48 35.98
N LYS D 122 8.09 -9.52 36.82
CA LYS D 122 8.73 -9.43 38.15
C LYS D 122 10.22 -9.17 37.96
N MET D 123 10.85 -9.86 36.99
CA MET D 123 12.30 -9.69 36.68
C MET D 123 12.55 -8.24 36.26
N MET D 124 11.61 -7.62 35.53
CA MET D 124 11.72 -6.22 35.02
C MET D 124 11.76 -5.23 36.19
N TYR D 125 10.92 -5.44 37.19
CA TYR D 125 10.91 -4.60 38.42
C TYR D 125 12.27 -4.69 39.11
N ASP D 126 12.79 -5.90 39.30
CA ASP D 126 14.11 -6.17 39.92
C ASP D 126 15.20 -5.47 39.10
N PHE D 127 15.17 -5.58 37.77
CA PHE D 127 16.18 -4.96 36.89
C PHE D 127 16.16 -3.43 37.08
N TYR D 128 14.98 -2.84 37.16
CA TYR D 128 14.81 -1.36 37.27
C TYR D 128 15.00 -0.90 38.72
N GLN D 129 15.01 -1.83 39.68
CA GLN D 129 15.11 -1.54 41.14
C GLN D 129 13.94 -0.62 41.53
N VAL D 130 12.73 -0.95 41.06
CA VAL D 130 11.45 -0.32 41.49
C VAL D 130 10.77 -1.28 42.46
N LYS D 131 10.38 -0.80 43.65
CA LYS D 131 9.65 -1.62 44.65
C LYS D 131 8.29 -2.00 44.03
N ILE D 132 7.86 -3.25 44.21
CA ILE D 132 6.53 -3.74 43.78
C ILE D 132 5.53 -3.38 44.89
N PRO D 133 4.54 -2.48 44.65
CA PRO D 133 3.52 -2.21 45.65
C PRO D 133 2.67 -3.46 45.92
N ALA D 134 2.24 -3.63 47.17
CA ALA D 134 1.50 -4.78 47.71
C ALA D 134 0.31 -5.14 46.80
N ASN D 135 -0.44 -4.16 46.29
CA ASN D 135 -1.64 -4.43 45.46
C ASN D 135 -1.20 -5.08 44.14
N ILE D 136 -0.14 -4.56 43.53
CA ILE D 136 0.41 -5.04 42.22
C ILE D 136 0.98 -6.44 42.41
N ALA D 137 1.72 -6.66 43.50
CA ALA D 137 2.35 -7.96 43.79
C ALA D 137 1.25 -9.02 43.75
N GLY D 138 0.12 -8.76 44.42
CA GLY D 138 -1.02 -9.68 44.57
C GLY D 138 -1.63 -10.10 43.24
N ILE D 139 -1.93 -9.17 42.34
CA ILE D 139 -2.54 -9.54 41.03
C ILE D 139 -1.46 -10.23 40.20
N MET D 140 -0.18 -9.87 40.37
CA MET D 140 0.95 -10.53 39.66
C MET D 140 1.01 -12.00 40.13
N MET D 141 1.06 -12.20 41.45
CA MET D 141 0.93 -13.53 42.12
C MET D 141 -0.21 -14.36 41.48
N CYS D 142 -1.43 -13.82 41.46
CA CYS D 142 -2.68 -14.50 41.03
C CYS D 142 -2.61 -14.91 39.56
N ALA D 143 -2.03 -14.04 38.73
CA ALA D 143 -1.77 -14.32 37.30
C ALA D 143 -0.92 -15.58 37.18
N ILE D 144 0.11 -15.74 38.03
CA ILE D 144 1.02 -16.91 37.92
C ILE D 144 0.28 -18.17 38.41
N LEU D 145 -0.52 -18.07 39.49
CA LEU D 145 -1.33 -19.20 40.04
C LEU D 145 -2.41 -19.57 38.99
N SER D 146 -2.91 -18.59 38.25
CA SER D 146 -3.89 -18.80 37.15
C SER D 146 -3.24 -19.62 36.04
N ASP D 147 -2.09 -19.16 35.52
CA ASP D 147 -1.34 -19.71 34.36
C ASP D 147 -0.79 -21.10 34.70
N THR D 148 -0.20 -21.27 35.88
CA THR D 148 0.52 -22.51 36.28
C THR D 148 -0.45 -23.46 37.01
N VAL D 149 -1.70 -23.04 37.22
CA VAL D 149 -2.77 -23.84 37.89
C VAL D 149 -2.26 -24.23 39.29
N ILE D 150 -1.92 -23.23 40.09
CA ILE D 150 -1.39 -23.39 41.48
C ILE D 150 -0.22 -24.38 41.43
N PHE D 151 0.64 -24.26 40.41
CA PHE D 151 1.94 -25.00 40.24
C PHE D 151 1.71 -26.43 39.71
N LYS D 152 0.46 -26.88 39.56
CA LYS D 152 0.16 -28.28 39.15
C LYS D 152 0.41 -28.46 37.64
N SER D 153 0.16 -27.44 36.83
CA SER D 153 0.40 -27.50 35.36
C SER D 153 1.86 -27.86 35.09
N PRO D 154 2.15 -28.74 34.09
CA PRO D 154 3.52 -29.00 33.66
C PRO D 154 4.23 -27.82 32.99
N THR D 155 3.53 -26.69 32.75
CA THR D 155 4.12 -25.43 32.24
C THR D 155 4.79 -24.70 33.41
N CYS D 156 4.39 -25.00 34.64
CA CYS D 156 5.02 -24.43 35.85
C CYS D 156 6.52 -24.69 35.82
N THR D 157 7.34 -23.65 35.98
CA THR D 157 8.81 -23.80 36.14
C THR D 157 9.23 -23.29 37.53
N THR D 158 10.48 -23.56 37.89
CA THR D 158 11.15 -23.14 39.14
C THR D 158 10.97 -21.63 39.30
N ALA D 159 11.10 -20.88 38.21
CA ALA D 159 11.09 -19.39 38.24
C ALA D 159 9.70 -18.90 38.67
N ASP D 160 8.63 -19.54 38.17
CA ASP D 160 7.22 -19.26 38.58
C ASP D 160 7.05 -19.48 40.09
N ILE D 161 7.51 -20.60 40.64
CA ILE D 161 7.29 -21.00 42.08
C ILE D 161 7.99 -19.98 42.99
N ARG D 162 9.29 -19.77 42.81
CA ARG D 162 10.12 -18.86 43.64
C ARG D 162 9.54 -17.43 43.54
N CYS D 163 9.08 -17.04 42.35
CA CYS D 163 8.49 -15.70 42.11
C CYS D 163 7.16 -15.54 42.89
N VAL D 164 6.25 -16.51 42.84
CA VAL D 164 5.01 -16.47 43.67
C VAL D 164 5.42 -16.35 45.14
N GLU D 165 6.35 -17.18 45.62
CA GLU D 165 6.75 -17.15 47.04
C GLU D 165 7.20 -15.72 47.37
N ALA D 166 8.00 -15.09 46.50
CA ALA D 166 8.52 -13.71 46.66
C ALA D 166 7.36 -12.68 46.72
N LEU D 167 6.39 -12.79 45.82
CA LEU D 167 5.27 -11.84 45.65
C LEU D 167 4.30 -11.97 46.83
N ALA D 168 3.98 -13.19 47.25
CA ALA D 168 3.14 -13.49 48.45
C ALA D 168 3.59 -12.63 49.64
N GLU D 169 4.89 -12.64 49.94
CA GLU D 169 5.44 -11.85 51.08
C GLU D 169 5.22 -10.35 50.84
N ILE D 170 5.49 -9.86 49.63
CA ILE D 170 5.35 -8.41 49.31
C ILE D 170 3.88 -7.98 49.46
N ALA D 171 2.92 -8.80 49.04
CA ALA D 171 1.46 -8.51 49.04
C ALA D 171 0.86 -8.81 50.42
N GLY D 172 1.65 -9.41 51.31
CA GLY D 172 1.21 -9.81 52.66
C GLY D 172 0.11 -10.85 52.59
N VAL D 173 0.20 -11.75 51.62
CA VAL D 173 -0.66 -12.97 51.50
C VAL D 173 0.03 -14.07 52.29
N GLU D 174 -0.63 -14.60 53.32
CA GLU D 174 -0.10 -15.69 54.18
C GLU D 174 -0.29 -17.03 53.48
N ASP D 175 -1.46 -17.23 52.86
CA ASP D 175 -1.89 -18.53 52.26
C ASP D 175 -2.11 -18.33 50.75
N PHE D 176 -1.04 -18.27 49.96
CA PHE D 176 -1.14 -17.97 48.51
C PHE D 176 -1.95 -19.08 47.82
N LYS D 177 -1.86 -20.32 48.32
CA LYS D 177 -2.57 -21.51 47.77
C LYS D 177 -4.08 -21.37 48.01
N GLU D 178 -4.50 -20.82 49.13
CA GLU D 178 -5.95 -20.59 49.40
C GLU D 178 -6.48 -19.50 48.46
N VAL D 179 -5.69 -18.48 48.12
CA VAL D 179 -6.11 -17.41 47.17
C VAL D 179 -6.23 -18.04 45.77
N GLY D 180 -5.36 -19.01 45.47
CA GLY D 180 -5.39 -19.79 44.23
C GLY D 180 -6.64 -20.62 44.11
N MET D 181 -7.00 -21.33 45.18
CA MET D 181 -8.22 -22.18 45.23
C MET D 181 -9.45 -21.26 45.15
N ASP D 182 -9.41 -20.09 45.81
CA ASP D 182 -10.48 -19.06 45.72
C ASP D 182 -10.73 -18.68 44.25
N MET D 183 -9.67 -18.53 43.46
CA MET D 183 -9.74 -18.19 42.00
C MET D 183 -10.45 -19.31 41.24
N PHE D 184 -10.03 -20.57 41.45
CA PHE D 184 -10.55 -21.77 40.73
C PHE D 184 -11.97 -22.09 41.22
N LYS D 185 -12.32 -21.78 42.48
CA LYS D 185 -13.75 -21.77 42.92
C LYS D 185 -14.54 -20.76 42.07
N VAL D 186 -14.08 -19.52 41.91
CA VAL D 186 -14.81 -18.53 41.06
C VAL D 186 -14.92 -19.06 39.63
N LYS D 187 -13.92 -19.79 39.12
CA LYS D 187 -13.92 -20.36 37.75
C LYS D 187 -14.91 -21.53 37.68
N SER D 188 -15.19 -22.15 38.81
CA SER D 188 -16.06 -23.35 38.98
C SER D 188 -17.54 -22.95 39.01
N ALA D 189 -17.85 -21.67 39.25
CA ALA D 189 -19.23 -21.12 39.32
C ALA D 189 -19.78 -20.93 37.90
N VAL D 190 -20.17 -22.03 37.22
CA VAL D 190 -20.58 -22.03 35.78
C VAL D 190 -22.09 -22.07 35.62
N GLU D 191 -22.88 -22.29 36.69
CA GLU D 191 -24.35 -22.44 36.56
C GLU D 191 -24.95 -21.09 36.14
N GLY D 192 -25.89 -21.10 35.18
CA GLY D 192 -26.64 -19.92 34.73
C GLY D 192 -25.92 -19.13 33.64
N THR D 193 -24.75 -19.60 33.18
CA THR D 193 -23.94 -18.97 32.10
C THR D 193 -24.27 -19.67 30.78
N PRO D 194 -24.76 -18.95 29.75
CA PRO D 194 -25.02 -19.53 28.44
C PRO D 194 -23.83 -20.36 27.95
N ALA D 195 -24.11 -21.50 27.33
CA ALA D 195 -23.13 -22.50 26.84
C ALA D 195 -22.03 -21.83 25.99
N ARG D 196 -22.39 -20.85 25.16
CA ARG D 196 -21.46 -20.19 24.19
C ARG D 196 -20.44 -19.38 24.98
N ASP D 197 -20.88 -18.66 26.01
CA ASP D 197 -19.99 -17.87 26.90
C ASP D 197 -18.94 -18.80 27.50
N LEU D 198 -19.33 -20.04 27.86
CA LEU D 198 -18.42 -21.04 28.49
C LEU D 198 -17.46 -21.61 27.43
N VAL D 199 -17.95 -21.93 26.24
CA VAL D 199 -17.13 -22.50 25.14
C VAL D 199 -16.04 -21.49 24.74
N MET D 200 -16.37 -20.19 24.71
CA MET D 200 -15.50 -19.09 24.19
C MET D 200 -14.63 -18.47 25.31
N ARG D 201 -14.88 -18.79 26.59
CA ARG D 201 -14.18 -18.14 27.74
C ARG D 201 -12.66 -18.18 27.52
N ASP D 202 -12.11 -19.35 27.18
CA ASP D 202 -10.71 -19.52 26.72
C ASP D 202 -10.68 -20.44 25.48
N PHE D 203 -11.05 -19.92 24.32
CA PHE D 203 -11.14 -20.67 23.03
C PHE D 203 -10.09 -20.15 22.03
N LYS D 204 -9.41 -21.08 21.35
CA LYS D 204 -8.35 -20.81 20.35
C LYS D 204 -8.58 -21.67 19.09
N ASP D 205 -8.27 -21.11 17.93
CA ASP D 205 -8.30 -21.82 16.62
C ASP D 205 -6.88 -22.25 16.26
N PHE D 206 -6.75 -23.46 15.73
CA PHE D 206 -5.47 -24.08 15.27
C PHE D 206 -5.65 -24.53 13.83
N ASN D 207 -4.65 -24.28 12.98
CA ASN D 207 -4.57 -24.79 11.58
C ASN D 207 -3.54 -25.93 11.58
N MET D 208 -4.02 -27.16 11.73
CA MET D 208 -3.21 -28.40 11.85
C MET D 208 -3.18 -29.11 10.49
N ASN D 209 -2.15 -28.79 9.68
CA ASN D 209 -1.88 -29.37 8.34
C ASN D 209 -3.14 -29.21 7.47
N GLY D 210 -3.63 -27.96 7.34
CA GLY D 210 -4.75 -27.57 6.46
C GLY D 210 -6.13 -27.69 7.10
N ASN D 211 -6.23 -28.30 8.29
CA ASN D 211 -7.50 -28.61 8.99
C ASN D 211 -7.71 -27.64 10.15
N LEU D 212 -8.89 -26.99 10.21
CA LEU D 212 -9.21 -25.95 11.24
C LEU D 212 -9.82 -26.64 12.47
N VAL D 213 -9.09 -26.61 13.59
CA VAL D 213 -9.43 -27.28 14.86
C VAL D 213 -9.53 -26.21 15.95
N GLY D 214 -10.75 -26.03 16.51
CA GLY D 214 -11.05 -25.11 17.61
C GLY D 214 -11.08 -25.85 18.94
N ILE D 215 -10.43 -25.29 19.97
CA ILE D 215 -10.29 -25.94 21.31
C ILE D 215 -10.62 -24.91 22.39
N GLY D 216 -11.72 -25.13 23.14
CA GLY D 216 -12.05 -24.39 24.36
C GLY D 216 -11.52 -25.11 25.58
N GLN D 217 -11.40 -24.42 26.71
CA GLN D 217 -11.00 -25.05 28.01
C GLN D 217 -11.66 -24.29 29.15
N LEU D 218 -12.27 -25.03 30.09
CA LEU D 218 -12.70 -24.54 31.43
C LEU D 218 -11.93 -25.32 32.49
N GLU D 219 -11.36 -24.63 33.46
CA GLU D 219 -10.62 -25.24 34.60
C GLU D 219 -11.48 -25.03 35.87
N VAL D 220 -11.89 -26.11 36.51
CA VAL D 220 -12.81 -26.07 37.68
C VAL D 220 -12.24 -26.98 38.76
N ILE D 221 -12.74 -26.84 39.97
CA ILE D 221 -12.33 -27.65 41.16
C ILE D 221 -13.02 -29.02 41.08
N ASP D 222 -14.22 -29.10 40.51
CA ASP D 222 -14.99 -30.36 40.46
C ASP D 222 -15.73 -30.45 39.12
N LEU D 223 -15.47 -31.54 38.40
CA LEU D 223 -16.01 -31.84 37.05
C LEU D 223 -17.54 -32.01 37.10
N ALA D 224 -18.10 -32.35 38.26
CA ALA D 224 -19.55 -32.58 38.50
C ALA D 224 -20.40 -31.32 38.24
N VAL D 225 -19.80 -30.12 38.28
CA VAL D 225 -20.52 -28.82 38.10
C VAL D 225 -21.14 -28.76 36.71
N PHE D 226 -20.60 -29.52 35.75
CA PHE D 226 -21.01 -29.49 34.32
C PHE D 226 -22.16 -30.49 34.03
N ASP D 227 -22.51 -31.35 35.00
CA ASP D 227 -23.42 -32.52 34.79
C ASP D 227 -24.73 -32.12 34.10
N ASP D 228 -25.39 -31.06 34.58
CA ASP D 228 -26.75 -30.64 34.13
C ASP D 228 -26.70 -29.80 32.85
N ILE D 229 -25.54 -29.19 32.53
CA ILE D 229 -25.39 -28.24 31.39
C ILE D 229 -24.61 -28.92 30.24
N LYS D 230 -24.06 -30.13 30.47
CA LYS D 230 -23.10 -30.82 29.56
C LYS D 230 -23.72 -31.05 28.17
N ALA D 231 -25.01 -31.36 28.10
CA ALA D 231 -25.75 -31.62 26.85
C ALA D 231 -25.85 -30.32 26.03
N ASP D 232 -26.11 -29.19 26.69
CA ASP D 232 -26.16 -27.83 26.06
C ASP D 232 -24.77 -27.49 25.49
N LEU D 233 -23.70 -27.86 26.20
CA LEU D 233 -22.30 -27.68 25.73
C LEU D 233 -22.09 -28.49 24.44
N GLU D 234 -22.46 -29.76 24.44
CA GLU D 234 -22.26 -30.68 23.29
C GLU D 234 -23.01 -30.17 22.06
N ALA D 235 -24.18 -29.58 22.27
CA ALA D 235 -25.05 -28.99 21.22
C ALA D 235 -24.39 -27.72 20.67
N ASP D 236 -23.75 -26.95 21.54
CA ASP D 236 -23.19 -25.63 21.14
C ASP D 236 -21.84 -25.81 20.42
N ILE D 237 -21.07 -26.86 20.72
CA ILE D 237 -19.77 -27.14 20.02
C ILE D 237 -20.06 -27.72 18.63
N ALA D 238 -21.21 -28.40 18.45
CA ALA D 238 -21.72 -28.83 17.13
C ALA D 238 -22.06 -27.60 16.29
N LYS D 239 -22.87 -26.67 16.85
CA LYS D 239 -23.23 -25.38 16.21
C LYS D 239 -21.96 -24.65 15.75
N LEU D 240 -21.00 -24.48 16.66
CA LEU D 240 -19.77 -23.66 16.47
C LEU D 240 -18.91 -24.29 15.36
N LYS D 241 -18.86 -25.62 15.29
CA LYS D 241 -18.13 -26.40 14.25
C LYS D 241 -18.65 -26.01 12.87
N VAL D 242 -19.97 -25.83 12.76
CA VAL D 242 -20.67 -25.42 11.51
C VAL D 242 -20.37 -23.94 11.26
N GLU D 243 -20.53 -23.09 12.29
CA GLU D 243 -20.46 -21.62 12.17
C GLU D 243 -19.09 -21.20 11.61
N GLY D 244 -18.04 -21.98 11.84
CA GLY D 244 -16.67 -21.66 11.38
C GLY D 244 -16.20 -22.54 10.25
N ASN D 245 -17.03 -23.51 9.83
CA ASN D 245 -16.66 -24.58 8.86
C ASN D 245 -15.39 -25.28 9.38
N ARG D 246 -15.43 -25.76 10.63
CA ARG D 246 -14.28 -26.40 11.34
C ARG D 246 -14.32 -27.92 11.13
N HIS D 247 -13.15 -28.52 10.92
CA HIS D 247 -12.93 -29.99 10.91
C HIS D 247 -13.34 -30.60 12.26
N SER D 248 -12.96 -29.95 13.37
CA SER D 248 -13.08 -30.45 14.77
C SER D 248 -13.29 -29.28 15.76
N VAL D 249 -14.25 -29.44 16.67
CA VAL D 249 -14.39 -28.56 17.88
C VAL D 249 -14.34 -29.45 19.13
N LEU D 250 -13.36 -29.18 20.01
CA LEU D 250 -13.13 -29.92 21.26
C LEU D 250 -13.26 -28.95 22.44
N LEU D 251 -13.92 -29.37 23.53
CA LEU D 251 -14.03 -28.60 24.80
C LEU D 251 -13.40 -29.42 25.92
N LEU D 252 -12.34 -28.88 26.53
CA LEU D 252 -11.64 -29.47 27.71
C LEU D 252 -12.39 -29.03 28.97
N LEU D 253 -13.00 -29.98 29.70
CA LEU D 253 -13.49 -29.76 31.08
C LEU D 253 -12.39 -30.29 32.02
N THR D 254 -11.57 -29.39 32.56
CA THR D 254 -10.31 -29.68 33.32
C THR D 254 -10.59 -29.61 34.82
N ASP D 255 -10.47 -30.74 35.53
CA ASP D 255 -10.64 -30.89 36.99
C ASP D 255 -9.24 -30.73 37.60
N ILE D 256 -8.99 -29.64 38.32
CA ILE D 256 -7.62 -29.32 38.83
C ILE D 256 -7.34 -30.15 40.09
N MET D 257 -8.35 -30.80 40.68
CA MET D 257 -8.16 -31.69 41.86
C MET D 257 -7.84 -33.12 41.40
N LYS D 258 -8.62 -33.68 40.46
CA LYS D 258 -8.33 -35.01 39.85
C LYS D 258 -7.08 -34.89 38.96
N GLU D 259 -6.74 -33.67 38.53
CA GLU D 259 -5.58 -33.36 37.65
C GLU D 259 -5.77 -34.09 36.32
N GLY D 260 -6.92 -33.89 35.68
CA GLY D 260 -7.26 -34.46 34.36
C GLY D 260 -8.28 -33.62 33.63
N SER D 261 -8.59 -33.97 32.37
CA SER D 261 -9.56 -33.24 31.52
C SER D 261 -10.53 -34.21 30.86
N GLU D 262 -11.84 -34.00 31.01
CA GLU D 262 -12.87 -34.64 30.15
C GLU D 262 -13.00 -33.80 28.87
N MET D 263 -12.77 -34.42 27.72
CA MET D 263 -12.82 -33.73 26.39
C MET D 263 -14.12 -34.08 25.68
N LEU D 264 -14.96 -33.08 25.41
CA LEU D 264 -16.14 -33.20 24.50
C LEU D 264 -15.64 -33.03 23.05
N VAL D 265 -16.03 -33.91 22.14
CA VAL D 265 -15.48 -33.99 20.76
C VAL D 265 -16.65 -33.97 19.76
N VAL D 266 -16.57 -33.06 18.80
CA VAL D 266 -17.27 -33.13 17.48
C VAL D 266 -16.19 -32.97 16.41
N SER D 267 -16.02 -33.98 15.56
CA SER D 267 -14.93 -34.09 14.56
C SER D 267 -15.45 -34.74 13.27
N ASP D 268 -14.87 -34.35 12.12
CA ASP D 268 -15.07 -35.04 10.81
C ASP D 268 -14.30 -36.37 10.84
N SER D 269 -13.34 -36.52 11.75
CA SER D 269 -12.57 -37.77 11.99
C SER D 269 -13.16 -38.50 13.19
N ALA D 270 -13.77 -39.68 12.94
CA ALA D 270 -14.52 -40.51 13.91
C ALA D 270 -13.57 -41.06 14.98
N ASP D 271 -12.29 -41.30 14.63
CA ASP D 271 -11.29 -41.95 15.52
C ASP D 271 -10.22 -40.94 15.95
N LEU D 272 -10.57 -39.66 16.10
CA LEU D 272 -9.60 -38.54 16.34
C LEU D 272 -8.82 -38.79 17.62
N THR D 273 -9.51 -39.03 18.73
CA THR D 273 -8.91 -39.14 20.09
C THR D 273 -8.21 -40.49 20.24
N GLU D 274 -8.58 -41.49 19.44
CA GLU D 274 -7.94 -42.84 19.41
C GLU D 274 -6.56 -42.71 18.76
N ARG D 275 -6.44 -41.90 17.70
CA ARG D 275 -5.20 -41.71 16.91
C ARG D 275 -4.21 -40.83 17.69
N ALA D 276 -4.70 -39.71 18.26
CA ALA D 276 -3.86 -38.66 18.89
C ALA D 276 -3.42 -39.06 20.31
N TYR D 277 -4.28 -39.71 21.09
CA TYR D 277 -4.08 -39.97 22.54
C TYR D 277 -4.05 -41.47 22.87
N GLY D 278 -4.43 -42.35 21.92
CA GLY D 278 -4.57 -43.80 22.14
C GLY D 278 -5.72 -44.13 23.09
N LYS D 279 -6.71 -43.23 23.19
CA LYS D 279 -7.93 -43.41 24.03
C LYS D 279 -9.14 -42.94 23.22
N PRO D 280 -10.08 -43.85 22.87
CA PRO D 280 -11.19 -43.50 21.99
C PRO D 280 -12.26 -42.67 22.71
N THR D 281 -13.02 -41.87 21.96
CA THR D 281 -14.21 -41.13 22.45
C THR D 281 -15.40 -42.10 22.52
N VAL D 282 -16.25 -41.94 23.54
CA VAL D 282 -17.49 -42.75 23.74
C VAL D 282 -18.66 -41.76 23.83
N ASP D 283 -19.45 -41.69 22.76
CA ASP D 283 -20.59 -40.74 22.58
C ASP D 283 -20.04 -39.31 22.62
N GLY D 284 -18.92 -39.07 21.93
CA GLY D 284 -18.26 -37.75 21.79
C GLY D 284 -17.73 -37.25 23.12
N ARG D 285 -17.15 -38.14 23.92
CA ARG D 285 -16.55 -37.86 25.26
C ARG D 285 -15.41 -38.84 25.55
N VAL D 286 -14.31 -38.35 26.16
CA VAL D 286 -13.16 -39.18 26.60
C VAL D 286 -12.48 -38.52 27.81
N TRP D 287 -12.15 -39.31 28.84
CA TRP D 287 -11.36 -38.86 30.02
C TRP D 287 -9.86 -38.99 29.70
N LEU D 288 -9.11 -37.91 29.88
CA LEU D 288 -7.64 -37.86 29.61
C LEU D 288 -6.91 -37.61 30.93
N ASP D 289 -6.49 -38.69 31.59
CA ASP D 289 -5.81 -38.67 32.92
C ASP D 289 -4.56 -37.78 32.83
N GLY D 290 -4.31 -36.97 33.86
CA GLY D 290 -3.07 -36.16 33.98
C GLY D 290 -3.07 -34.89 33.14
N VAL D 291 -4.06 -34.66 32.27
CA VAL D 291 -4.02 -33.57 31.25
C VAL D 291 -4.58 -32.27 31.87
N LEU D 292 -3.75 -31.23 31.91
CA LEU D 292 -4.09 -29.91 32.51
C LEU D 292 -3.85 -28.77 31.51
N SER D 293 -2.76 -28.87 30.72
CA SER D 293 -2.27 -27.82 29.80
C SER D 293 -2.66 -28.13 28.35
N ARG D 294 -3.32 -27.17 27.69
CA ARG D 294 -3.66 -27.26 26.25
C ARG D 294 -2.38 -27.24 25.42
N LYS D 295 -1.45 -26.31 25.68
CA LYS D 295 -0.29 -26.09 24.78
C LYS D 295 0.74 -27.23 24.92
N LYS D 296 0.70 -28.01 26.01
CA LYS D 296 1.75 -29.00 26.36
C LYS D 296 1.22 -30.44 26.25
N GLN D 297 -0.04 -30.71 26.59
CA GLN D 297 -0.58 -32.10 26.71
C GLN D 297 -1.69 -32.39 25.69
N VAL D 298 -2.28 -31.39 25.02
CA VAL D 298 -3.48 -31.59 24.15
C VAL D 298 -3.10 -31.35 22.68
N VAL D 299 -2.44 -30.23 22.38
CA VAL D 299 -2.17 -29.73 21.01
C VAL D 299 -1.07 -30.56 20.35
N PRO D 300 0.11 -30.81 20.99
CA PRO D 300 1.17 -31.58 20.34
C PRO D 300 0.68 -32.89 19.71
N ALA D 301 -0.15 -33.66 20.44
CA ALA D 301 -0.63 -35.01 20.04
C ALA D 301 -1.65 -34.93 18.89
N LEU D 302 -2.45 -33.85 18.83
CA LEU D 302 -3.42 -33.58 17.73
C LEU D 302 -2.64 -33.22 16.46
N GLN D 303 -1.69 -32.29 16.58
CA GLN D 303 -0.79 -31.81 15.48
C GLN D 303 -0.09 -33.02 14.86
N ASP D 304 0.41 -33.94 15.70
CA ASP D 304 1.13 -35.18 15.29
C ASP D 304 0.20 -36.08 14.47
N ALA D 305 -1.09 -36.13 14.80
CA ALA D 305 -2.11 -37.02 14.20
C ALA D 305 -2.62 -36.46 12.86
N PHE D 306 -2.52 -35.15 12.63
CA PHE D 306 -2.98 -34.49 11.37
C PHE D 306 -1.87 -34.49 10.31
N GLN D 307 -0.61 -34.67 10.73
CA GLN D 307 0.60 -34.61 9.85
C GLN D 307 0.78 -35.95 9.11
N LYS D 308 0.39 -37.07 9.75
CA LYS D 308 0.74 -38.46 9.34
C LYS D 308 0.20 -38.81 7.94
#